data_9EN0
#
_entry.id   9EN0
#
_cell.length_a   69.081
_cell.length_b   112.312
_cell.length_c   77.971
_cell.angle_alpha   90.000
_cell.angle_beta   108.503
_cell.angle_gamma   90.000
#
_symmetry.space_group_name_H-M   'P 1 21 1'
#
loop_
_entity.id
_entity.type
_entity.pdbx_description
1 polymer 'DNA polymerase'
2 polymer "DNA (5'-D(P*AP*CP*(6HT)P*(6HG)P*(6HT)P*(6HG)P*(6HG)P*(6HC)P*CP*GP*TP*GP*GP*TP*C)-3')"
3 polymer "DNA (5'-D(*GP*AP*CP*CP*AP*CP*GP*GP*CP*CP*AP*CP*A)-3')"
4 non-polymer 'MAGNESIUM ION'
5 non-polymer GLYCEROL
6 water water
#
loop_
_entity_poly.entity_id
_entity_poly.type
_entity_poly.pdbx_seq_one_letter_code
_entity_poly.pdbx_strand_id
1 'polypeptide(L)'
;MILDTDYITEDGKPVIRIFKKENGEFKIEYDRTFEPYFYALLKDDSAIEEVKKITAERHGTVVTVKRVEKVQKKFLGRPV
EVWKLYFTHPQDQPAIRDKIREHPAVIDIYEYDTPFAKRYLIDKGLVPMEGDEELKMLAFAIATLYHEGEEFAEGPILMI
SYADEEGARVITWKNVDLPYVDVVSTEREMIKRFLRVVKEKDPDVLITYNGDNFDFAYLKKRCEKLGINFALGRDGSEPK
IQRMGDRFAVEVKGRIHFDLYPVIRRTINLPTYTLEAVYEAVFGQPKEKVYAEEITTAWETGENLERVARYSMEDAKVTY
ELGKEFLPMEAQLSRLIGQSLWDVSRSSTGNLVEWFLLRKAYERNELAPNKPDEKELARRRQKYEGGYVKEPERGLWENI
VYLDFRSLYPSIIITHNVSPDTLNREGCGEYDVAPQVGHRFCKDLPGFIPSLLGDLLEERQKIKKKMKATIDPIERKLLD
YRQRLIKILANSVYGHMGFENARWYCKECAESVTAWGREYLTMTIKEIEEKYGFKVIYSDTDGFFATIPGADAETVKKKA
MEFLKYINAKLPGALELEYEGFYKRGFFVTKKKYAVIDEEGKITTRGLEIVRRDWSEIAKETQARVLEALLKDGDVEKAV
RIVKEVTEKLSKYEVPPEKLVIHKQITRDLKDYKATGPHVAVAKRLAARGVKIRPGTVISYIVLKGSGRIGDRAIPFDEF
DPTKHRYDAEYYIEKQVLPAVERILRAFGYRKEDLRYQKTRQVGLSAWLKPKGT
;
A
2 'polydeoxyribonucleotide' (DA)(DA)(DC)(6HT)(6HG)(6HT)(6HG)(6HG)(6HC)(DC)(DG)(DT)(DG)(DG)(DT)(DC) T
3 'polydeoxyribonucleotide' (DG)(DA)(DC)(DC)(DA)(DC)(DG)(DG)(DC)(DC)(DA)(DC)(DA) P
#
# COMPACT_ATOMS: atom_id res chain seq x y z
N MET A 1 20.43 -7.64 -15.75
CA MET A 1 19.17 -7.36 -15.08
C MET A 1 18.07 -7.04 -16.07
N ILE A 2 16.93 -7.71 -15.91
CA ILE A 2 15.79 -7.53 -16.81
C ILE A 2 14.95 -6.37 -16.29
N LEU A 3 14.71 -5.38 -17.15
CA LEU A 3 13.83 -4.28 -16.79
C LEU A 3 12.37 -4.61 -17.05
N ASP A 4 12.05 -5.01 -18.28
CA ASP A 4 10.66 -5.31 -18.64
C ASP A 4 10.67 -6.15 -19.91
N THR A 5 9.46 -6.49 -20.37
CA THR A 5 9.25 -7.16 -21.64
C THR A 5 7.99 -6.60 -22.29
N ASP A 6 8.02 -6.43 -23.60
CA ASP A 6 6.79 -6.24 -24.36
C ASP A 6 6.84 -7.12 -25.60
N TYR A 7 5.97 -6.84 -26.57
CA TYR A 7 6.08 -7.47 -27.87
C TYR A 7 5.63 -6.50 -28.95
N ILE A 8 6.21 -6.65 -30.13
CA ILE A 8 5.74 -5.96 -31.33
C ILE A 8 5.29 -7.03 -32.30
N THR A 9 5.03 -6.63 -33.55
CA THR A 9 4.49 -7.56 -34.53
C THR A 9 5.21 -7.38 -35.86
N GLU A 10 5.70 -8.50 -36.40
CA GLU A 10 6.39 -8.50 -37.69
C GLU A 10 5.67 -9.50 -38.60
N ASP A 11 4.99 -8.96 -39.63
CA ASP A 11 4.24 -9.79 -40.58
C ASP A 11 3.23 -10.67 -39.85
N GLY A 12 2.50 -10.05 -38.91
CA GLY A 12 1.45 -10.73 -38.18
C GLY A 12 1.89 -11.66 -37.08
N LYS A 13 3.21 -11.81 -36.84
CA LYS A 13 3.75 -12.70 -35.83
C LYS A 13 4.40 -11.91 -34.70
N PRO A 14 4.26 -12.37 -33.45
CA PRO A 14 4.75 -11.57 -32.31
C PRO A 14 6.23 -11.73 -32.10
N VAL A 15 6.89 -10.60 -31.79
CA VAL A 15 8.31 -10.58 -31.47
C VAL A 15 8.46 -10.05 -30.06
N ILE A 16 8.81 -10.94 -29.12
CA ILE A 16 9.08 -10.53 -27.76
C ILE A 16 10.35 -9.68 -27.74
N ARG A 17 10.27 -8.53 -27.09
CA ARG A 17 11.44 -7.74 -26.73
C ARG A 17 11.71 -7.91 -25.24
N ILE A 18 12.98 -8.03 -24.87
CA ILE A 18 13.39 -8.14 -23.47
C ILE A 18 14.36 -6.99 -23.21
N PHE A 19 13.88 -5.96 -22.52
CA PHE A 19 14.74 -4.83 -22.18
C PHE A 19 15.59 -5.21 -20.98
N LYS A 20 16.91 -4.97 -21.11
CA LYS A 20 17.89 -5.49 -20.17
C LYS A 20 18.96 -4.43 -19.90
N LYS A 21 19.59 -4.54 -18.73
CA LYS A 21 20.77 -3.77 -18.39
C LYS A 21 21.78 -4.73 -17.78
N GLU A 22 22.91 -4.93 -18.46
CA GLU A 22 23.95 -5.87 -18.02
C GLU A 22 25.30 -5.18 -18.10
N ASN A 23 26.01 -5.15 -16.98
CA ASN A 23 27.33 -4.50 -16.87
C ASN A 23 27.26 -3.04 -17.29
N GLY A 24 26.18 -2.36 -16.90
CA GLY A 24 25.99 -0.96 -17.23
C GLY A 24 25.61 -0.68 -18.66
N GLU A 25 25.24 -1.71 -19.42
CA GLU A 25 24.91 -1.57 -20.84
C GLU A 25 23.46 -1.94 -21.07
N PHE A 26 22.74 -1.09 -21.79
CA PHE A 26 21.35 -1.35 -22.14
C PHE A 26 21.27 -2.18 -23.41
N LYS A 27 20.43 -3.21 -23.39
CA LYS A 27 20.30 -4.14 -24.50
C LYS A 27 18.82 -4.44 -24.74
N ILE A 28 18.48 -4.70 -26.00
CA ILE A 28 17.16 -5.19 -26.37
C ILE A 28 17.33 -6.56 -27.01
N GLU A 29 16.82 -7.59 -26.34
CA GLU A 29 16.82 -8.95 -26.87
C GLU A 29 15.51 -9.24 -27.58
N TYR A 30 15.60 -9.81 -28.78
CA TYR A 30 14.44 -10.17 -29.57
C TYR A 30 14.27 -11.68 -29.59
N ASP A 31 13.04 -12.14 -29.34
CA ASP A 31 12.69 -13.55 -29.39
C ASP A 31 11.49 -13.69 -30.34
N ARG A 32 11.72 -14.29 -31.49
CA ARG A 32 10.71 -14.40 -32.53
C ARG A 32 10.03 -15.77 -32.53
N THR A 33 10.33 -16.62 -31.56
CA THR A 33 9.91 -18.02 -31.58
C THR A 33 8.94 -18.39 -30.46
N PHE A 34 8.56 -17.46 -29.60
CA PHE A 34 7.64 -17.78 -28.51
C PHE A 34 6.20 -17.76 -29.02
N GLU A 35 5.44 -18.79 -28.67
CA GLU A 35 4.11 -19.01 -29.24
C GLU A 35 3.04 -18.85 -28.17
N PRO A 36 1.97 -18.10 -28.44
CA PRO A 36 0.87 -18.00 -27.47
C PRO A 36 0.10 -19.31 -27.40
N TYR A 37 -0.50 -19.54 -26.24
CA TYR A 37 -1.21 -20.80 -26.02
C TYR A 37 -2.25 -20.62 -24.92
N PHE A 38 -3.13 -21.62 -24.80
CA PHE A 38 -3.89 -21.85 -23.58
C PHE A 38 -4.43 -23.28 -23.61
N TYR A 39 -4.84 -23.76 -22.45
CA TYR A 39 -5.18 -25.17 -22.24
C TYR A 39 -6.66 -25.43 -22.44
N ALA A 40 -6.97 -26.66 -22.83
CA ALA A 40 -8.35 -27.11 -23.03
C ALA A 40 -8.50 -28.51 -22.46
N LEU A 41 -9.59 -28.74 -21.75
CA LEU A 41 -9.91 -30.02 -21.12
C LEU A 41 -11.12 -30.60 -21.86
N LEU A 42 -10.95 -31.79 -22.43
CA LEU A 42 -11.92 -32.32 -23.37
C LEU A 42 -12.73 -33.47 -22.77
N LYS A 43 -13.94 -33.67 -23.31
CA LYS A 43 -14.77 -34.79 -22.89
C LYS A 43 -14.19 -36.11 -23.37
N ASP A 44 -13.67 -36.14 -24.61
CA ASP A 44 -13.06 -37.35 -25.15
C ASP A 44 -11.80 -36.96 -25.90
N ASP A 45 -10.71 -37.68 -25.66
CA ASP A 45 -9.44 -37.34 -26.27
C ASP A 45 -9.45 -37.45 -27.79
N SER A 46 -10.48 -38.07 -28.37
CA SER A 46 -10.60 -38.22 -29.81
C SER A 46 -11.19 -36.99 -30.48
N ALA A 47 -11.89 -36.14 -29.74
CA ALA A 47 -12.50 -34.94 -30.30
C ALA A 47 -11.49 -33.82 -30.54
N ILE A 48 -10.20 -34.09 -30.34
CA ILE A 48 -9.17 -33.06 -30.53
C ILE A 48 -9.17 -32.57 -31.97
N GLU A 49 -9.42 -33.45 -32.93
CA GLU A 49 -9.33 -33.03 -34.32
C GLU A 49 -10.37 -31.97 -34.64
N GLU A 50 -11.61 -32.18 -34.21
CA GLU A 50 -12.65 -31.18 -34.44
C GLU A 50 -12.29 -29.84 -33.78
N VAL A 51 -11.63 -29.89 -32.62
CA VAL A 51 -11.23 -28.66 -31.93
C VAL A 51 -10.17 -27.93 -32.74
N LYS A 52 -9.23 -28.68 -33.33
CA LYS A 52 -8.18 -28.06 -34.14
C LYS A 52 -8.76 -27.29 -35.31
N LYS A 53 -9.92 -27.70 -35.82
CA LYS A 53 -10.55 -27.07 -36.97
C LYS A 53 -11.42 -25.88 -36.60
N ILE A 54 -11.49 -25.51 -35.32
CA ILE A 54 -12.27 -24.34 -34.93
C ILE A 54 -11.56 -23.07 -35.40
N THR A 55 -12.29 -22.21 -36.10
CA THR A 55 -11.75 -20.97 -36.62
C THR A 55 -12.58 -19.79 -36.14
N ALA A 56 -11.98 -18.60 -36.21
CA ALA A 56 -12.67 -17.35 -35.90
C ALA A 56 -12.18 -16.29 -36.89
N GLU A 57 -12.53 -15.03 -36.63
CA GLU A 57 -12.14 -13.94 -37.50
C GLU A 57 -11.73 -12.73 -36.68
N ARG A 58 -10.56 -12.19 -37.01
CA ARG A 58 -10.05 -10.95 -36.43
C ARG A 58 -9.53 -10.08 -37.57
N HIS A 59 -10.04 -8.87 -37.68
CA HIS A 59 -9.73 -7.97 -38.81
C HIS A 59 -10.16 -8.68 -40.09
N GLY A 60 -9.38 -8.61 -41.16
CA GLY A 60 -9.70 -9.32 -42.39
C GLY A 60 -8.92 -10.60 -42.55
N THR A 61 -8.74 -11.33 -41.45
CA THR A 61 -7.98 -12.57 -41.48
C THR A 61 -8.74 -13.64 -40.70
N VAL A 62 -8.39 -14.89 -40.97
CA VAL A 62 -8.99 -16.05 -40.30
C VAL A 62 -8.08 -16.46 -39.15
N VAL A 63 -8.70 -16.77 -38.01
CA VAL A 63 -7.98 -17.18 -36.81
C VAL A 63 -8.00 -18.70 -36.75
N THR A 64 -6.82 -19.31 -36.71
CA THR A 64 -6.69 -20.76 -36.70
C THR A 64 -5.86 -21.21 -35.50
N VAL A 65 -6.08 -22.47 -35.11
CA VAL A 65 -5.25 -23.12 -34.11
C VAL A 65 -3.97 -23.59 -34.82
N LYS A 66 -2.84 -22.96 -34.48
CA LYS A 66 -1.60 -23.26 -35.17
C LYS A 66 -1.20 -24.72 -34.99
N ARG A 67 -1.28 -25.22 -33.76
CA ARG A 67 -0.91 -26.61 -33.46
C ARG A 67 -1.32 -26.93 -32.03
N VAL A 68 -1.47 -28.23 -31.76
CA VAL A 68 -1.86 -28.72 -30.44
C VAL A 68 -0.84 -29.76 -29.99
N GLU A 69 -0.74 -29.92 -28.66
CA GLU A 69 0.08 -30.97 -28.09
C GLU A 69 -0.53 -31.41 -26.77
N LYS A 70 -0.47 -32.72 -26.51
CA LYS A 70 -1.08 -33.31 -25.32
C LYS A 70 -0.11 -33.27 -24.15
N VAL A 71 -0.57 -32.76 -23.01
CA VAL A 71 0.27 -32.57 -21.86
C VAL A 71 -0.47 -33.07 -20.61
N GLN A 72 0.31 -33.30 -19.56
CA GLN A 72 -0.21 -33.78 -18.28
C GLN A 72 0.17 -32.79 -17.20
N LYS A 73 -0.83 -32.18 -16.56
CA LYS A 73 -0.61 -31.19 -15.52
C LYS A 73 -1.40 -31.61 -14.28
N LYS A 74 -0.93 -31.13 -13.13
CA LYS A 74 -1.66 -31.34 -11.89
C LYS A 74 -2.85 -30.39 -11.83
N PHE A 75 -4.00 -30.91 -11.42
CA PHE A 75 -5.19 -30.11 -11.23
C PHE A 75 -6.03 -30.73 -10.13
N LEU A 76 -6.41 -29.92 -9.15
CA LEU A 76 -7.08 -30.40 -7.93
C LEU A 76 -6.28 -31.50 -7.24
N GLY A 77 -4.95 -31.41 -7.32
CA GLY A 77 -4.07 -32.35 -6.67
C GLY A 77 -3.67 -33.56 -7.49
N ARG A 78 -4.43 -33.91 -8.52
CA ARG A 78 -4.13 -35.13 -9.24
C ARG A 78 -3.81 -34.84 -10.71
N PRO A 79 -2.99 -35.70 -11.34
CA PRO A 79 -2.63 -35.47 -12.74
C PRO A 79 -3.82 -35.61 -13.67
N VAL A 80 -3.88 -34.73 -14.68
CA VAL A 80 -4.95 -34.69 -15.66
C VAL A 80 -4.32 -34.51 -17.03
N GLU A 81 -5.03 -34.96 -18.07
CA GLU A 81 -4.61 -34.78 -19.45
C GLU A 81 -5.36 -33.60 -20.07
N VAL A 82 -4.61 -32.57 -20.47
CA VAL A 82 -5.19 -31.40 -21.11
C VAL A 82 -4.44 -31.13 -22.42
N TRP A 83 -5.11 -30.42 -23.31
CA TRP A 83 -4.59 -30.14 -24.64
C TRP A 83 -4.10 -28.70 -24.70
N LYS A 84 -2.80 -28.54 -24.94
CA LYS A 84 -2.18 -27.22 -25.04
C LYS A 84 -2.36 -26.72 -26.47
N LEU A 85 -3.17 -25.67 -26.65
CA LEU A 85 -3.50 -25.13 -27.95
C LEU A 85 -2.63 -23.92 -28.24
N TYR A 86 -1.94 -23.92 -29.38
CA TYR A 86 -1.06 -22.84 -29.78
C TYR A 86 -1.69 -22.02 -30.90
N PHE A 87 -1.34 -20.74 -30.95
CA PHE A 87 -1.87 -19.83 -31.97
C PHE A 87 -0.73 -19.00 -32.55
N THR A 88 -1.05 -18.30 -33.63
CA THR A 88 -0.04 -17.49 -34.32
C THR A 88 0.25 -16.20 -33.56
N HIS A 89 -0.77 -15.50 -33.10
CA HIS A 89 -0.60 -14.18 -32.52
C HIS A 89 -1.35 -14.06 -31.20
N PRO A 90 -0.81 -13.31 -30.22
CA PRO A 90 -1.50 -13.12 -28.95
C PRO A 90 -2.96 -12.69 -29.09
N GLN A 91 -3.20 -11.70 -29.95
CA GLN A 91 -4.54 -11.16 -30.14
C GLN A 91 -5.50 -12.14 -30.79
N ASP A 92 -5.03 -13.33 -31.16
CA ASP A 92 -5.94 -14.37 -31.65
C ASP A 92 -6.79 -14.95 -30.53
N GLN A 93 -6.23 -15.04 -29.33
CA GLN A 93 -6.92 -15.73 -28.23
C GLN A 93 -8.29 -15.12 -27.91
N PRO A 94 -8.43 -13.81 -27.64
CA PRO A 94 -9.75 -13.29 -27.27
C PRO A 94 -10.81 -13.44 -28.35
N ALA A 95 -10.42 -13.70 -29.60
CA ALA A 95 -11.38 -13.85 -30.68
C ALA A 95 -11.83 -15.29 -30.91
N ILE A 96 -11.04 -16.26 -30.48
CA ILE A 96 -11.36 -17.67 -30.70
C ILE A 96 -11.60 -18.45 -29.42
N ARG A 97 -11.24 -17.90 -28.25
CA ARG A 97 -11.38 -18.66 -27.01
C ARG A 97 -12.83 -18.96 -26.68
N ASP A 98 -13.75 -18.07 -27.05
CA ASP A 98 -15.16 -18.31 -26.77
C ASP A 98 -15.72 -19.40 -27.68
N LYS A 99 -15.24 -19.47 -28.93
CA LYS A 99 -15.68 -20.52 -29.83
C LYS A 99 -15.22 -21.89 -29.36
N ILE A 100 -13.97 -21.98 -28.88
CA ILE A 100 -13.47 -23.26 -28.36
C ILE A 100 -14.21 -23.64 -27.08
N ARG A 101 -14.51 -22.66 -26.23
CA ARG A 101 -15.22 -22.96 -24.99
C ARG A 101 -16.67 -23.36 -25.27
N GLU A 102 -17.29 -22.74 -26.27
CA GLU A 102 -18.66 -23.09 -26.63
C GLU A 102 -18.77 -24.46 -27.30
N HIS A 103 -17.66 -25.07 -27.68
CA HIS A 103 -17.71 -26.39 -28.29
C HIS A 103 -18.25 -27.39 -27.28
N PRO A 104 -19.10 -28.33 -27.72
CA PRO A 104 -19.67 -29.28 -26.75
C PRO A 104 -18.64 -30.23 -26.17
N ALA A 105 -17.65 -30.65 -26.95
CA ALA A 105 -16.65 -31.59 -26.47
C ALA A 105 -15.59 -30.93 -25.59
N VAL A 106 -15.61 -29.61 -25.46
CA VAL A 106 -14.66 -28.89 -24.62
C VAL A 106 -15.33 -28.60 -23.28
N ILE A 107 -14.80 -29.19 -22.21
CA ILE A 107 -15.38 -29.02 -20.89
C ILE A 107 -15.02 -27.65 -20.31
N ASP A 108 -13.75 -27.27 -20.40
CA ASP A 108 -13.36 -25.91 -20.03
C ASP A 108 -11.98 -25.59 -20.59
N ILE A 109 -11.69 -24.30 -20.67
CA ILE A 109 -10.39 -23.79 -21.10
C ILE A 109 -9.72 -23.10 -19.93
N TYR A 110 -8.40 -23.05 -19.97
CA TYR A 110 -7.61 -22.59 -18.83
C TYR A 110 -6.47 -21.70 -19.30
N GLU A 111 -6.14 -20.72 -18.46
CA GLU A 111 -5.00 -19.82 -18.68
C GLU A 111 -5.10 -19.12 -20.04
N TYR A 112 -6.28 -18.59 -20.35
CA TYR A 112 -6.58 -18.03 -21.66
C TYR A 112 -6.43 -16.52 -21.74
N ASP A 113 -6.21 -15.83 -20.62
CA ASP A 113 -6.19 -14.38 -20.62
C ASP A 113 -4.88 -13.83 -20.05
N THR A 114 -3.79 -14.57 -20.23
CA THR A 114 -2.51 -14.14 -19.70
C THR A 114 -1.84 -13.17 -20.68
N PRO A 115 -1.48 -11.96 -20.26
CA PRO A 115 -0.77 -11.05 -21.15
C PRO A 115 0.48 -11.69 -21.71
N PHE A 116 0.70 -11.52 -23.02
CA PHE A 116 1.73 -12.27 -23.74
C PHE A 116 3.11 -12.04 -23.14
N ALA A 117 3.46 -10.79 -22.87
CA ALA A 117 4.78 -10.45 -22.36
C ALA A 117 4.99 -10.88 -20.92
N LYS A 118 3.93 -10.96 -20.11
CA LYS A 118 4.07 -11.50 -18.76
C LYS A 118 4.14 -13.02 -18.78
N ARG A 119 3.37 -13.64 -19.66
CA ARG A 119 3.50 -15.07 -19.92
C ARG A 119 4.93 -15.44 -20.27
N TYR A 120 5.57 -14.61 -21.10
CA TYR A 120 6.96 -14.87 -21.49
C TYR A 120 7.87 -14.87 -20.27
N LEU A 121 7.70 -13.88 -19.38
CA LEU A 121 8.53 -13.80 -18.18
C LEU A 121 8.41 -15.07 -17.34
N ILE A 122 7.22 -15.63 -17.25
CA ILE A 122 7.00 -16.78 -16.37
C ILE A 122 7.57 -18.05 -16.99
N ASP A 123 7.21 -18.32 -18.25
CA ASP A 123 7.60 -19.57 -18.88
C ASP A 123 9.11 -19.65 -19.05
N LYS A 124 9.76 -18.54 -19.38
CA LYS A 124 11.20 -18.50 -19.50
C LYS A 124 11.91 -18.36 -18.16
N GLY A 125 11.16 -18.32 -17.06
CA GLY A 125 11.75 -18.22 -15.74
C GLY A 125 12.58 -16.97 -15.52
N LEU A 126 12.20 -15.86 -16.13
CA LEU A 126 12.94 -14.61 -16.01
C LEU A 126 12.43 -13.79 -14.84
N VAL A 127 13.34 -13.16 -14.11
CA VAL A 127 12.98 -12.38 -12.93
C VAL A 127 13.44 -10.94 -13.11
N PRO A 128 12.52 -9.99 -13.24
CA PRO A 128 12.95 -8.59 -13.34
C PRO A 128 13.72 -8.14 -12.12
N MET A 129 14.57 -7.13 -12.32
CA MET A 129 15.24 -6.40 -11.25
C MET A 129 16.20 -7.27 -10.44
N GLU A 130 16.66 -8.38 -11.00
CA GLU A 130 17.64 -9.25 -10.34
C GLU A 130 19.03 -8.93 -10.88
N GLY A 131 19.97 -8.67 -9.98
CA GLY A 131 21.35 -8.44 -10.33
C GLY A 131 21.95 -7.31 -9.52
N ASP A 132 23.16 -6.90 -9.92
CA ASP A 132 23.90 -5.82 -9.28
C ASP A 132 23.59 -4.46 -9.88
N GLU A 133 23.15 -4.42 -11.14
CA GLU A 133 23.11 -3.21 -11.96
C GLU A 133 22.62 -1.98 -11.22
N GLU A 134 23.45 -0.94 -11.22
CA GLU A 134 23.06 0.35 -10.67
C GLU A 134 22.23 1.08 -11.71
N LEU A 135 20.96 1.30 -11.42
CA LEU A 135 20.08 2.01 -12.34
C LEU A 135 20.33 3.51 -12.23
N LYS A 136 20.39 4.17 -13.40
CA LYS A 136 20.40 5.62 -13.47
C LYS A 136 18.97 6.13 -13.43
N MET A 137 18.73 7.15 -12.63
CA MET A 137 17.39 7.68 -12.45
C MET A 137 17.40 9.19 -12.66
N LEU A 138 16.26 9.68 -13.15
CA LEU A 138 16.04 11.10 -13.38
C LEU A 138 14.57 11.37 -13.13
N ALA A 139 14.27 12.39 -12.33
CA ALA A 139 12.90 12.78 -12.04
C ALA A 139 12.57 14.06 -12.78
N PHE A 140 11.27 14.27 -13.04
CA PHE A 140 10.88 15.45 -13.78
C PHE A 140 9.47 15.87 -13.41
N ALA A 141 9.22 17.18 -13.53
CA ALA A 141 7.94 17.80 -13.23
C ALA A 141 7.70 18.93 -14.22
N ILE A 142 6.44 19.38 -14.31
CA ILE A 142 6.08 20.48 -15.18
C ILE A 142 5.24 21.49 -14.40
N ALA A 143 5.26 22.74 -14.88
CA ALA A 143 4.42 23.80 -14.38
C ALA A 143 3.72 24.43 -15.57
N THR A 144 2.40 24.52 -15.50
CA THR A 144 1.59 24.94 -16.64
C THR A 144 0.86 26.25 -16.32
N LEU A 145 0.08 26.72 -17.29
CA LEU A 145 -0.64 27.99 -17.20
C LEU A 145 -2.13 27.69 -17.19
N TYR A 146 -2.73 27.67 -16.01
CA TYR A 146 -4.13 27.29 -15.88
C TYR A 146 -5.05 28.51 -15.97
N HIS A 147 -6.22 28.28 -16.54
CA HIS A 147 -7.33 29.24 -16.51
C HIS A 147 -8.62 28.46 -16.38
N GLU A 148 -9.48 28.88 -15.46
CA GLU A 148 -10.74 28.19 -15.24
C GLU A 148 -11.64 28.32 -16.47
N GLY A 149 -12.21 27.21 -16.90
CA GLY A 149 -13.01 27.17 -18.10
C GLY A 149 -12.28 26.74 -19.35
N GLU A 150 -10.99 26.43 -19.25
CA GLU A 150 -10.21 25.98 -20.39
C GLU A 150 -10.16 24.46 -20.44
N GLU A 151 -10.02 23.94 -21.66
CA GLU A 151 -9.84 22.51 -21.83
C GLU A 151 -8.51 22.09 -21.21
N PHE A 152 -8.39 20.79 -20.93
CA PHE A 152 -7.14 20.28 -20.38
C PHE A 152 -6.00 20.55 -21.35
N ALA A 153 -4.90 21.07 -20.82
CA ALA A 153 -3.71 21.40 -21.60
C ALA A 153 -3.97 22.43 -22.70
N GLU A 154 -5.09 23.16 -22.61
CA GLU A 154 -5.34 24.24 -23.57
C GLU A 154 -4.28 25.33 -23.44
N GLY A 155 -3.85 25.60 -22.21
CA GLY A 155 -2.79 26.55 -21.95
C GLY A 155 -1.43 25.89 -22.12
N PRO A 156 -0.41 26.71 -22.32
CA PRO A 156 0.92 26.15 -22.61
C PRO A 156 1.62 25.68 -21.35
N ILE A 157 2.66 24.88 -21.56
CA ILE A 157 3.55 24.46 -20.47
C ILE A 157 4.57 25.57 -20.24
N LEU A 158 4.64 26.06 -19.01
CA LEU A 158 5.50 27.18 -18.68
C LEU A 158 6.93 26.74 -18.37
N MET A 159 7.11 25.78 -17.48
CA MET A 159 8.43 25.32 -17.09
C MET A 159 8.46 23.81 -16.99
N ILE A 160 9.63 23.25 -17.30
CA ILE A 160 9.91 21.82 -17.11
C ILE A 160 11.15 21.71 -16.23
N SER A 161 11.02 20.97 -15.14
CA SER A 161 12.10 20.79 -14.17
C SER A 161 12.51 19.33 -14.11
N TYR A 162 13.81 19.09 -13.98
CA TYR A 162 14.32 17.74 -13.79
C TYR A 162 15.33 17.76 -12.65
N ALA A 163 15.57 16.58 -12.08
CA ALA A 163 16.47 16.45 -10.95
C ALA A 163 17.04 15.04 -10.91
N ASP A 164 18.34 14.95 -10.69
CA ASP A 164 19.01 13.67 -10.54
C ASP A 164 20.16 13.84 -9.55
N GLU A 165 21.13 12.93 -9.58
CA GLU A 165 22.26 13.03 -8.66
C GLU A 165 23.13 14.24 -8.97
N GLU A 166 23.03 14.82 -10.17
CA GLU A 166 23.80 15.99 -10.54
C GLU A 166 23.12 17.30 -10.14
N GLY A 167 21.94 17.24 -9.55
CA GLY A 167 21.23 18.43 -9.10
C GLY A 167 19.88 18.54 -9.77
N ALA A 168 19.23 19.68 -9.53
CA ALA A 168 17.92 19.99 -10.08
C ALA A 168 17.99 21.28 -10.89
N ARG A 169 17.39 21.25 -12.08
CA ARG A 169 17.36 22.42 -12.97
C ARG A 169 15.95 22.62 -13.49
N VAL A 170 15.73 23.79 -14.09
CA VAL A 170 14.45 24.14 -14.70
C VAL A 170 14.73 24.77 -16.06
N ILE A 171 13.89 24.44 -17.04
CA ILE A 171 13.96 24.99 -18.39
C ILE A 171 12.68 25.76 -18.65
N THR A 172 12.81 27.01 -19.08
CA THR A 172 11.65 27.87 -19.30
C THR A 172 11.96 28.89 -20.39
N TRP A 173 10.90 29.43 -21.00
CA TRP A 173 11.04 30.35 -22.12
C TRP A 173 10.77 31.80 -21.73
N LYS A 174 10.77 32.11 -20.44
CA LYS A 174 10.90 33.48 -19.95
C LYS A 174 12.17 33.58 -19.11
N ASN A 175 12.83 34.74 -19.18
CA ASN A 175 14.11 34.90 -18.51
C ASN A 175 13.92 35.03 -17.00
N VAL A 176 14.44 34.05 -16.27
CA VAL A 176 14.47 34.07 -14.81
C VAL A 176 15.92 33.93 -14.38
N ASP A 177 16.43 34.91 -13.65
CA ASP A 177 17.86 34.98 -13.29
C ASP A 177 18.09 34.13 -12.05
N LEU A 178 18.31 32.84 -12.26
CA LEU A 178 18.65 31.89 -11.22
C LEU A 178 19.64 30.87 -11.79
N PRO A 179 20.57 30.38 -10.96
CA PRO A 179 21.66 29.55 -11.52
C PRO A 179 21.21 28.18 -11.98
N TYR A 180 20.05 27.71 -11.55
CA TYR A 180 19.53 26.41 -11.96
C TYR A 180 18.45 26.53 -13.03
N VAL A 181 18.35 27.68 -13.70
CA VAL A 181 17.32 27.93 -14.70
C VAL A 181 17.99 28.15 -16.04
N ASP A 182 17.62 27.35 -17.04
CA ASP A 182 18.05 27.53 -18.41
C ASP A 182 16.91 28.14 -19.21
N VAL A 183 17.21 29.16 -20.00
CA VAL A 183 16.19 29.93 -20.71
C VAL A 183 16.28 29.60 -22.20
N VAL A 184 15.12 29.34 -22.81
CA VAL A 184 14.99 29.06 -24.22
C VAL A 184 14.00 30.04 -24.83
N SER A 185 13.81 29.94 -26.15
CA SER A 185 12.98 30.91 -26.85
C SER A 185 11.49 30.67 -26.62
N THR A 186 11.05 29.43 -26.80
CA THR A 186 9.63 29.12 -26.83
C THR A 186 9.33 27.89 -26.00
N GLU A 187 8.03 27.64 -25.80
CA GLU A 187 7.60 26.37 -25.24
C GLU A 187 8.08 25.21 -26.09
N ARG A 188 8.12 25.40 -27.41
CA ARG A 188 8.61 24.35 -28.31
C ARG A 188 10.06 24.01 -28.01
N GLU A 189 10.95 25.01 -28.03
CA GLU A 189 12.36 24.78 -27.74
C GLU A 189 12.57 24.32 -26.30
N MET A 190 11.63 24.61 -25.41
CA MET A 190 11.74 24.11 -24.03
C MET A 190 11.52 22.60 -23.99
N ILE A 191 10.47 22.12 -24.65
CA ILE A 191 10.18 20.69 -24.67
C ILE A 191 11.28 19.95 -25.45
N LYS A 192 11.78 20.55 -26.52
CA LYS A 192 12.89 19.94 -27.25
C LYS A 192 14.14 19.88 -26.40
N ARG A 193 14.39 20.90 -25.58
CA ARG A 193 15.53 20.88 -24.67
C ARG A 193 15.40 19.75 -23.66
N PHE A 194 14.19 19.52 -23.15
CA PHE A 194 13.98 18.42 -22.21
C PHE A 194 14.23 17.07 -22.87
N LEU A 195 13.76 16.90 -24.10
CA LEU A 195 14.00 15.65 -24.82
C LEU A 195 15.48 15.38 -24.98
N ARG A 196 16.24 16.41 -25.37
CA ARG A 196 17.69 16.25 -25.52
C ARG A 196 18.33 15.83 -24.21
N VAL A 197 17.93 16.48 -23.11
CA VAL A 197 18.50 16.17 -21.80
C VAL A 197 18.26 14.71 -21.45
N VAL A 198 17.03 14.23 -21.64
CA VAL A 198 16.72 12.83 -21.33
C VAL A 198 17.55 11.90 -22.19
N LYS A 199 17.65 12.19 -23.49
CA LYS A 199 18.46 11.35 -24.37
C LYS A 199 19.93 11.37 -23.94
N GLU A 200 20.41 12.53 -23.53
CA GLU A 200 21.82 12.68 -23.13
C GLU A 200 22.11 11.87 -21.88
N LYS A 201 21.26 11.97 -20.87
CA LYS A 201 21.49 11.28 -19.60
C LYS A 201 21.12 9.81 -19.66
N ASP A 202 20.29 9.43 -20.63
CA ASP A 202 19.82 8.06 -20.86
C ASP A 202 19.46 7.35 -19.54
N PRO A 203 18.49 7.87 -18.80
CA PRO A 203 18.16 7.24 -17.51
C PRO A 203 17.43 5.93 -17.71
N ASP A 204 17.74 4.97 -16.84
CA ASP A 204 16.94 3.75 -16.82
C ASP A 204 15.55 4.03 -16.27
N VAL A 205 15.42 5.01 -15.37
CA VAL A 205 14.17 5.27 -14.66
C VAL A 205 13.81 6.74 -14.77
N LEU A 206 12.56 7.02 -15.10
CA LEU A 206 11.98 8.36 -15.02
C LEU A 206 10.98 8.38 -13.87
N ILE A 207 11.21 9.26 -12.91
CA ILE A 207 10.39 9.35 -11.71
C ILE A 207 9.47 10.56 -11.84
N THR A 208 8.17 10.34 -11.61
CA THR A 208 7.21 11.43 -11.56
C THR A 208 6.40 11.33 -10.27
N TYR A 209 5.49 12.28 -10.10
CA TYR A 209 4.46 12.23 -9.07
C TYR A 209 3.14 12.59 -9.74
N ASN A 210 2.26 11.60 -9.87
CA ASN A 210 1.02 11.66 -10.66
C ASN A 210 1.29 11.76 -12.16
N GLY A 211 2.48 11.37 -12.62
CA GLY A 211 2.77 11.46 -14.04
C GLY A 211 1.85 10.61 -14.90
N ASP A 212 1.32 9.54 -14.31
CA ASP A 212 0.40 8.67 -15.03
C ASP A 212 -0.87 9.39 -15.47
N ASN A 213 -1.25 10.46 -14.78
CA ASN A 213 -2.53 11.10 -15.04
C ASN A 213 -2.43 12.56 -15.49
N PHE A 214 -1.39 13.29 -15.08
CA PHE A 214 -1.26 14.70 -15.44
C PHE A 214 -0.08 14.98 -16.34
N ASP A 215 1.15 14.72 -15.88
CA ASP A 215 2.34 15.22 -16.55
C ASP A 215 2.43 14.73 -17.99
N PHE A 216 2.40 13.41 -18.20
CA PHE A 216 2.56 12.87 -19.54
C PHE A 216 1.41 13.26 -20.45
N ALA A 217 0.18 13.29 -19.91
CA ALA A 217 -0.97 13.66 -20.74
C ALA A 217 -0.89 15.11 -21.18
N TYR A 218 -0.38 16.00 -20.31
CA TYR A 218 -0.17 17.39 -20.69
C TYR A 218 0.92 17.50 -21.74
N LEU A 219 2.07 16.87 -21.49
CA LEU A 219 3.15 16.87 -22.47
C LEU A 219 2.70 16.30 -23.80
N LYS A 220 1.80 15.32 -23.77
CA LYS A 220 1.30 14.73 -25.00
C LYS A 220 0.47 15.75 -25.78
N LYS A 221 -0.53 16.35 -25.13
CA LYS A 221 -1.42 17.27 -25.83
C LYS A 221 -0.67 18.47 -26.39
N ARG A 222 0.35 18.94 -25.68
CA ARG A 222 1.15 20.05 -26.21
C ARG A 222 2.02 19.60 -27.38
N CYS A 223 2.52 18.36 -27.34
CA CYS A 223 3.37 17.88 -28.42
C CYS A 223 2.59 17.65 -29.70
N GLU A 224 1.31 17.28 -29.58
CA GLU A 224 0.49 17.15 -30.78
C GLU A 224 0.12 18.53 -31.32
N LYS A 225 -0.18 19.46 -30.41
CA LYS A 225 -0.44 20.85 -30.82
C LYS A 225 0.76 21.45 -31.53
N LEU A 226 1.96 21.28 -30.97
CA LEU A 226 3.16 21.90 -31.49
C LEU A 226 3.91 21.02 -32.48
N GLY A 227 3.40 19.82 -32.79
CA GLY A 227 4.08 18.92 -33.69
C GLY A 227 5.47 18.54 -33.24
N ILE A 228 5.58 17.96 -32.05
CA ILE A 228 6.85 17.50 -31.50
C ILE A 228 6.80 15.98 -31.38
N ASN A 229 7.82 15.31 -31.91
CA ASN A 229 7.96 13.87 -31.72
C ASN A 229 8.53 13.64 -30.33
N PHE A 230 7.65 13.30 -29.38
CA PHE A 230 8.03 13.15 -27.98
C PHE A 230 8.63 11.74 -27.76
N ALA A 231 9.84 11.58 -28.27
CA ALA A 231 10.46 10.26 -28.41
C ALA A 231 11.27 9.89 -27.17
N LEU A 232 10.59 9.86 -26.03
CA LEU A 232 11.26 9.50 -24.79
C LEU A 232 11.66 8.04 -24.74
N GLY A 233 11.02 7.18 -25.55
CA GLY A 233 11.37 5.78 -25.54
C GLY A 233 12.79 5.55 -26.05
N ARG A 234 13.44 4.52 -25.50
CA ARG A 234 14.78 4.16 -25.93
C ARG A 234 14.81 3.51 -27.30
N ASP A 235 13.65 3.15 -27.85
CA ASP A 235 13.54 2.65 -29.21
C ASP A 235 12.97 3.69 -30.16
N GLY A 236 12.99 4.97 -29.75
CA GLY A 236 12.43 6.03 -30.56
C GLY A 236 10.94 6.24 -30.41
N SER A 237 10.25 5.41 -29.63
CA SER A 237 8.80 5.54 -29.50
C SER A 237 8.43 6.69 -28.58
N GLU A 238 7.16 7.06 -28.62
CA GLU A 238 6.57 8.01 -27.70
C GLU A 238 5.99 7.28 -26.50
N PRO A 239 5.79 7.96 -25.37
CA PRO A 239 5.17 7.31 -24.21
C PRO A 239 3.81 6.73 -24.58
N LYS A 240 3.52 5.57 -24.00
CA LYS A 240 2.35 4.77 -24.35
C LYS A 240 1.37 4.74 -23.19
N ILE A 241 0.12 5.10 -23.46
CA ILE A 241 -0.91 5.14 -22.44
C ILE A 241 -1.61 3.78 -22.38
N GLN A 242 -1.59 3.17 -21.20
CA GLN A 242 -2.34 1.95 -20.90
C GLN A 242 -3.42 2.26 -19.89
N ARG A 243 -4.59 1.66 -20.07
CA ARG A 243 -5.71 1.88 -19.18
C ARG A 243 -5.82 0.70 -18.23
N MET A 244 -5.67 0.96 -16.94
CA MET A 244 -5.79 -0.05 -15.89
C MET A 244 -7.06 0.27 -15.10
N GLY A 245 -8.18 -0.34 -15.50
CA GLY A 245 -9.45 0.04 -14.92
C GLY A 245 -9.84 1.43 -15.39
N ASP A 246 -10.57 2.13 -14.54
CA ASP A 246 -10.83 3.55 -14.81
C ASP A 246 -9.57 4.40 -14.73
N ARG A 247 -8.45 3.82 -14.31
CA ARG A 247 -7.19 4.55 -14.19
C ARG A 247 -6.42 4.53 -15.49
N PHE A 248 -5.54 5.52 -15.65
CA PHE A 248 -4.66 5.63 -16.78
C PHE A 248 -3.21 5.53 -16.30
N ALA A 249 -2.37 4.87 -17.09
CA ALA A 249 -0.96 4.70 -16.75
C ALA A 249 -0.14 4.85 -18.01
N VAL A 250 1.12 5.24 -17.84
CA VAL A 250 1.99 5.61 -18.95
C VAL A 250 3.30 4.85 -18.80
N GLU A 251 3.74 4.21 -19.87
CA GLU A 251 5.06 3.60 -19.88
C GLU A 251 5.92 4.23 -20.97
N VAL A 252 7.22 4.20 -20.74
CA VAL A 252 8.22 4.69 -21.69
C VAL A 252 9.12 3.50 -22.02
N LYS A 253 9.02 3.01 -23.25
CA LYS A 253 9.70 1.78 -23.64
C LYS A 253 11.21 1.91 -23.44
N GLY A 254 11.81 0.83 -22.93
CA GLY A 254 13.23 0.81 -22.63
C GLY A 254 13.60 1.40 -21.29
N ARG A 255 12.71 2.18 -20.68
CA ARG A 255 12.92 2.75 -19.36
C ARG A 255 11.79 2.29 -18.43
N ILE A 256 11.85 2.73 -17.18
CA ILE A 256 10.82 2.43 -16.20
C ILE A 256 10.23 3.75 -15.74
N HIS A 257 8.97 4.00 -16.10
CA HIS A 257 8.27 5.17 -15.58
C HIS A 257 7.78 4.83 -14.18
N PHE A 258 8.47 5.35 -13.17
CA PHE A 258 8.12 5.10 -11.78
C PHE A 258 7.30 6.29 -11.28
N ASP A 259 5.97 6.15 -11.31
CA ASP A 259 5.10 7.19 -10.76
C ASP A 259 4.97 6.95 -9.27
N LEU A 260 5.40 7.92 -8.47
CA LEU A 260 5.44 7.74 -7.03
C LEU A 260 4.04 7.61 -6.44
N TYR A 261 3.06 8.29 -7.03
CA TYR A 261 1.75 8.41 -6.38
C TYR A 261 1.12 7.06 -6.05
N PRO A 262 0.99 6.11 -6.98
CA PRO A 262 0.37 4.83 -6.59
C PRO A 262 1.16 4.05 -5.55
N VAL A 263 2.46 4.30 -5.40
CA VAL A 263 3.25 3.62 -4.38
C VAL A 263 3.02 4.28 -3.01
N ILE A 264 3.15 5.61 -2.96
CA ILE A 264 2.88 6.35 -1.72
C ILE A 264 1.48 6.06 -1.21
N ARG A 265 0.52 6.02 -2.13
CA ARG A 265 -0.89 5.95 -1.75
C ARG A 265 -1.22 4.69 -0.95
N ARG A 266 -0.50 3.60 -1.18
CA ARG A 266 -0.74 2.36 -0.47
C ARG A 266 0.34 2.01 0.55
N THR A 267 1.39 2.82 0.67
CA THR A 267 2.37 2.57 1.73
C THR A 267 2.11 3.43 2.96
N ILE A 268 1.77 4.70 2.77
CA ILE A 268 1.45 5.60 3.87
C ILE A 268 0.01 6.06 3.71
N ASN A 269 -0.61 6.43 4.83
CA ASN A 269 -2.00 6.87 4.86
C ASN A 269 -2.06 8.27 5.45
N LEU A 270 -2.37 9.25 4.61
CA LEU A 270 -2.43 10.66 4.96
C LEU A 270 -3.82 11.21 4.64
N PRO A 271 -4.19 12.40 5.19
CA PRO A 271 -5.48 13.01 4.82
C PRO A 271 -5.59 13.31 3.33
N THR A 272 -4.70 14.16 2.82
CA THR A 272 -4.56 14.37 1.39
C THR A 272 -3.17 13.94 0.94
N TYR A 273 -3.02 13.75 -0.37
CA TYR A 273 -1.75 13.27 -0.92
C TYR A 273 -1.13 14.28 -1.88
N THR A 274 -0.87 15.48 -1.40
CA THR A 274 -0.08 16.42 -2.18
C THR A 274 1.39 16.05 -2.08
N LEU A 275 2.17 16.49 -3.08
CA LEU A 275 3.60 16.27 -3.05
C LEU A 275 4.22 16.82 -1.77
N GLU A 276 3.74 17.99 -1.34
CA GLU A 276 4.28 18.62 -0.13
C GLU A 276 3.93 17.82 1.12
N ALA A 277 2.69 17.34 1.21
CA ALA A 277 2.30 16.52 2.35
C ALA A 277 3.13 15.24 2.39
N VAL A 278 3.36 14.61 1.24
CA VAL A 278 4.12 13.36 1.20
C VAL A 278 5.57 13.61 1.57
N TYR A 279 6.17 14.70 1.06
CA TYR A 279 7.53 15.04 1.43
C TYR A 279 7.64 15.37 2.90
N GLU A 280 6.62 16.01 3.46
CA GLU A 280 6.56 16.26 4.89
C GLU A 280 6.54 14.94 5.67
N ALA A 281 5.61 14.05 5.31
CA ALA A 281 5.47 12.79 6.03
C ALA A 281 6.75 11.97 5.97
N VAL A 282 7.43 11.97 4.82
CA VAL A 282 8.55 11.07 4.60
C VAL A 282 9.83 11.63 5.19
N PHE A 283 10.13 12.92 4.95
CA PHE A 283 11.39 13.50 5.37
C PHE A 283 11.28 14.49 6.52
N GLY A 284 10.07 14.88 6.93
CA GLY A 284 9.90 15.81 8.03
C GLY A 284 10.10 17.27 7.69
N GLN A 285 10.86 17.57 6.63
CA GLN A 285 11.12 18.95 6.25
C GLN A 285 9.95 19.52 5.45
N PRO A 286 9.71 20.83 5.52
CA PRO A 286 8.60 21.43 4.78
C PRO A 286 8.93 21.66 3.31
N LYS A 287 7.86 21.83 2.54
CA LYS A 287 7.95 22.21 1.13
C LYS A 287 6.85 23.21 0.85
N GLU A 288 7.23 24.36 0.31
CA GLU A 288 6.28 25.42 0.00
C GLU A 288 5.47 25.06 -1.23
N LYS A 289 4.18 25.40 -1.21
CA LYS A 289 3.28 25.13 -2.33
C LYS A 289 2.89 26.45 -2.98
N VAL A 290 3.14 26.56 -4.29
CA VAL A 290 2.65 27.66 -5.11
C VAL A 290 1.51 27.11 -5.97
N TYR A 291 0.41 27.84 -6.00
CA TYR A 291 -0.84 27.34 -6.55
C TYR A 291 -1.02 27.79 -8.00
N ALA A 292 -1.97 27.14 -8.67
CA ALA A 292 -2.17 27.37 -10.11
C ALA A 292 -2.43 28.84 -10.41
N GLU A 293 -3.36 29.45 -9.67
CA GLU A 293 -3.71 30.85 -9.92
C GLU A 293 -2.53 31.78 -9.66
N GLU A 294 -1.70 31.44 -8.68
CA GLU A 294 -0.52 32.25 -8.41
C GLU A 294 0.49 32.14 -9.54
N ILE A 295 0.73 30.91 -10.03
CA ILE A 295 1.66 30.70 -11.13
C ILE A 295 1.18 31.44 -12.38
N THR A 296 -0.12 31.38 -12.66
CA THR A 296 -0.66 32.06 -13.84
C THR A 296 -0.50 33.57 -13.72
N THR A 297 -0.85 34.14 -12.57
CA THR A 297 -0.70 35.57 -12.35
C THR A 297 0.76 35.99 -12.49
N ALA A 298 1.67 35.21 -11.90
CA ALA A 298 3.09 35.53 -12.00
C ALA A 298 3.57 35.50 -13.44
N TRP A 299 3.17 34.48 -14.21
CA TRP A 299 3.61 34.39 -15.60
C TRP A 299 3.09 35.55 -16.43
N GLU A 300 1.88 36.03 -16.15
CA GLU A 300 1.29 37.09 -16.98
C GLU A 300 1.86 38.46 -16.64
N THR A 301 2.04 38.76 -15.35
CA THR A 301 2.57 40.06 -14.95
C THR A 301 4.08 40.06 -14.84
N GLY A 302 4.73 38.91 -14.99
CA GLY A 302 6.17 38.80 -14.84
C GLY A 302 6.68 39.04 -13.44
N GLU A 303 5.81 39.07 -12.44
CA GLU A 303 6.19 39.39 -11.06
C GLU A 303 6.34 38.11 -10.24
N ASN A 304 7.36 38.09 -9.38
CA ASN A 304 7.63 36.96 -8.49
C ASN A 304 7.76 35.65 -9.28
N LEU A 305 8.37 35.75 -10.47
CA LEU A 305 8.56 34.55 -11.28
C LEU A 305 9.65 33.66 -10.72
N GLU A 306 10.64 34.25 -10.04
CA GLU A 306 11.69 33.46 -9.40
C GLU A 306 11.11 32.53 -8.34
N ARG A 307 10.05 32.98 -7.66
CA ARG A 307 9.38 32.11 -6.70
C ARG A 307 8.80 30.88 -7.39
N VAL A 308 8.23 31.06 -8.58
CA VAL A 308 7.71 29.91 -9.32
C VAL A 308 8.87 29.05 -9.82
N ALA A 309 10.02 29.66 -10.09
CA ALA A 309 11.19 28.89 -10.50
C ALA A 309 11.67 27.98 -9.38
N ARG A 310 11.67 28.50 -8.15
CA ARG A 310 12.07 27.69 -7.00
C ARG A 310 11.09 26.57 -6.73
N TYR A 311 9.78 26.83 -6.90
CA TYR A 311 8.78 25.80 -6.72
C TYR A 311 8.94 24.70 -7.76
N SER A 312 9.19 25.08 -9.02
CA SER A 312 9.41 24.09 -10.07
C SER A 312 10.66 23.26 -9.76
N MET A 313 11.76 23.92 -9.40
CA MET A 313 12.97 23.19 -9.03
C MET A 313 12.73 22.26 -7.86
N GLU A 314 11.99 22.73 -6.85
CA GLU A 314 11.74 21.92 -5.66
C GLU A 314 10.89 20.70 -6.00
N ASP A 315 9.88 20.89 -6.86
CA ASP A 315 9.07 19.75 -7.29
C ASP A 315 9.95 18.63 -7.85
N ALA A 316 10.91 18.99 -8.71
CA ALA A 316 11.80 17.99 -9.27
C ALA A 316 12.71 17.40 -8.19
N LYS A 317 13.33 18.25 -7.39
CA LYS A 317 14.31 17.80 -6.40
C LYS A 317 13.70 16.79 -5.43
N VAL A 318 12.57 17.14 -4.82
CA VAL A 318 11.98 16.24 -3.82
C VAL A 318 11.43 14.98 -4.48
N THR A 319 11.06 15.06 -5.77
CA THR A 319 10.60 13.85 -6.46
C THR A 319 11.75 12.88 -6.68
N TYR A 320 12.94 13.40 -6.96
CA TYR A 320 14.11 12.52 -7.07
C TYR A 320 14.46 11.91 -5.71
N GLU A 321 14.35 12.70 -4.64
CA GLU A 321 14.63 12.19 -3.31
C GLU A 321 13.62 11.14 -2.88
N LEU A 322 12.33 11.43 -3.09
CA LEU A 322 11.31 10.42 -2.85
C LEU A 322 11.56 9.17 -3.69
N GLY A 323 12.06 9.35 -4.91
CA GLY A 323 12.34 8.21 -5.77
C GLY A 323 13.46 7.33 -5.23
N LYS A 324 14.57 7.95 -4.82
CA LYS A 324 15.66 7.19 -4.20
C LYS A 324 15.18 6.47 -2.95
N GLU A 325 14.22 7.05 -2.24
CA GLU A 325 13.72 6.47 -1.00
C GLU A 325 12.87 5.22 -1.25
N PHE A 326 11.96 5.27 -2.23
CA PHE A 326 10.92 4.27 -2.35
C PHE A 326 11.14 3.25 -3.47
N LEU A 327 12.11 3.49 -4.37
CA LEU A 327 12.29 2.54 -5.46
C LEU A 327 12.91 1.22 -5.01
N PRO A 328 14.01 1.21 -4.23
CA PRO A 328 14.60 -0.09 -3.84
C PRO A 328 13.61 -1.09 -3.25
N MET A 329 12.69 -0.66 -2.40
CA MET A 329 11.67 -1.57 -1.89
C MET A 329 10.83 -2.14 -3.02
N GLU A 330 10.31 -1.27 -3.88
CA GLU A 330 9.47 -1.71 -5.00
C GLU A 330 10.24 -2.63 -5.94
N ALA A 331 11.54 -2.37 -6.13
CA ALA A 331 12.36 -3.26 -6.95
C ALA A 331 12.47 -4.64 -6.31
N GLN A 332 12.69 -4.69 -5.01
CA GLN A 332 12.66 -5.96 -4.30
C GLN A 332 11.31 -6.64 -4.43
N LEU A 333 10.23 -5.86 -4.44
CA LEU A 333 8.89 -6.43 -4.57
C LEU A 333 8.71 -7.09 -5.93
N SER A 334 9.12 -6.39 -7.00
CA SER A 334 8.99 -6.96 -8.34
C SER A 334 9.83 -8.21 -8.48
N ARG A 335 11.04 -8.21 -7.92
CA ARG A 335 11.89 -9.39 -7.93
C ARG A 335 11.19 -10.56 -7.24
N LEU A 336 10.43 -10.28 -6.17
CA LEU A 336 9.73 -11.31 -5.43
C LEU A 336 8.49 -11.79 -6.17
N ILE A 337 7.69 -10.86 -6.68
CA ILE A 337 6.50 -11.23 -7.45
C ILE A 337 6.87 -11.85 -8.78
N GLY A 338 8.02 -11.49 -9.34
CA GLY A 338 8.38 -11.94 -10.68
C GLY A 338 7.68 -11.17 -11.77
N GLN A 339 7.39 -9.90 -11.56
CA GLN A 339 6.79 -9.04 -12.56
C GLN A 339 7.56 -7.74 -12.61
N SER A 340 7.22 -6.90 -13.59
CA SER A 340 8.00 -5.69 -13.82
C SER A 340 7.78 -4.68 -12.70
N LEU A 341 8.79 -3.84 -12.48
CA LEU A 341 8.65 -2.75 -11.53
C LEU A 341 7.49 -1.83 -11.93
N TRP A 342 7.36 -1.58 -13.23
CA TRP A 342 6.21 -0.82 -13.73
C TRP A 342 4.90 -1.43 -13.25
N ASP A 343 4.80 -2.76 -13.32
CA ASP A 343 3.58 -3.43 -12.92
C ASP A 343 3.38 -3.39 -11.40
N VAL A 344 4.37 -3.85 -10.64
CA VAL A 344 4.16 -4.03 -9.20
C VAL A 344 4.03 -2.70 -8.49
N SER A 345 4.62 -1.63 -9.04
CA SER A 345 4.47 -0.31 -8.44
C SER A 345 3.08 0.28 -8.67
N ARG A 346 2.22 -0.40 -9.44
CA ARG A 346 0.89 0.11 -9.75
C ARG A 346 -0.22 -0.87 -9.36
N SER A 347 0.04 -1.78 -8.42
CA SER A 347 -0.99 -2.74 -8.02
C SER A 347 -0.76 -3.14 -6.56
N SER A 348 -1.85 -3.52 -5.90
CA SER A 348 -1.79 -3.99 -4.53
C SER A 348 -1.31 -5.44 -4.48
N THR A 349 -0.70 -5.81 -3.36
CA THR A 349 -0.19 -7.17 -3.21
C THR A 349 -1.30 -8.20 -3.34
N GLY A 350 -2.51 -7.86 -2.90
CA GLY A 350 -3.64 -8.76 -3.04
C GLY A 350 -3.87 -9.19 -4.48
N ASN A 351 -3.47 -8.36 -5.43
CA ASN A 351 -3.54 -8.67 -6.85
C ASN A 351 -2.22 -9.20 -7.40
N LEU A 352 -1.09 -8.71 -6.89
CA LEU A 352 0.21 -9.26 -7.26
C LEU A 352 0.37 -10.71 -6.83
N VAL A 353 -0.40 -11.15 -5.83
CA VAL A 353 -0.32 -12.52 -5.34
C VAL A 353 -0.61 -13.51 -6.46
N GLU A 354 -1.59 -13.18 -7.32
CA GLU A 354 -1.96 -14.10 -8.39
C GLU A 354 -0.81 -14.29 -9.38
N TRP A 355 -0.04 -13.23 -9.64
CA TRP A 355 1.11 -13.37 -10.52
C TRP A 355 2.19 -14.23 -9.89
N PHE A 356 2.38 -14.09 -8.57
CA PHE A 356 3.32 -14.95 -7.87
C PHE A 356 2.86 -16.40 -7.87
N LEU A 357 1.59 -16.63 -7.54
CA LEU A 357 1.04 -17.99 -7.57
C LEU A 357 1.09 -18.57 -8.97
N LEU A 358 0.74 -17.77 -9.98
CA LEU A 358 0.75 -18.25 -11.35
C LEU A 358 2.14 -18.69 -11.77
N ARG A 359 3.17 -17.95 -11.34
CA ARG A 359 4.54 -18.38 -11.62
C ARG A 359 4.87 -19.67 -10.88
N LYS A 360 4.41 -19.78 -9.63
CA LYS A 360 4.58 -21.03 -8.89
C LYS A 360 3.86 -22.18 -9.57
N ALA A 361 2.67 -21.92 -10.12
CA ALA A 361 1.92 -22.96 -10.79
C ALA A 361 2.66 -23.47 -12.02
N TYR A 362 3.29 -22.57 -12.77
CA TYR A 362 4.07 -23.00 -13.93
C TYR A 362 5.30 -23.78 -13.48
N GLU A 363 5.99 -23.29 -12.45
CA GLU A 363 7.17 -23.97 -11.94
C GLU A 363 6.88 -25.40 -11.54
N ARG A 364 5.67 -25.67 -11.04
CA ARG A 364 5.31 -26.98 -10.53
C ARG A 364 4.31 -27.71 -11.44
N ASN A 365 4.14 -27.24 -12.67
CA ASN A 365 3.27 -27.88 -13.66
C ASN A 365 1.87 -28.11 -13.09
N GLU A 366 1.30 -27.05 -12.52
CA GLU A 366 -0.04 -27.09 -11.96
C GLU A 366 -0.92 -26.15 -12.79
N LEU A 367 -1.90 -26.75 -13.47
CA LEU A 367 -2.90 -25.98 -14.22
C LEU A 367 -3.56 -24.96 -13.31
N ALA A 368 -3.47 -23.70 -13.69
CA ALA A 368 -4.05 -22.64 -12.87
C ALA A 368 -5.57 -22.67 -12.98
N PRO A 369 -6.30 -22.57 -11.89
CA PRO A 369 -7.77 -22.47 -11.98
C PRO A 369 -8.18 -21.11 -12.51
N ASN A 370 -9.32 -21.09 -13.18
CA ASN A 370 -9.81 -19.85 -13.74
C ASN A 370 -10.31 -18.91 -12.66
N LYS A 371 -10.30 -17.61 -12.97
CA LYS A 371 -10.98 -16.63 -12.14
C LYS A 371 -12.48 -16.89 -12.19
N PRO A 372 -13.22 -16.43 -11.19
CA PRO A 372 -14.65 -16.74 -11.14
C PRO A 372 -15.45 -15.91 -12.14
N ASP A 373 -16.57 -16.47 -12.57
CA ASP A 373 -17.49 -15.73 -13.42
C ASP A 373 -18.41 -14.88 -12.54
N GLU A 374 -19.43 -14.27 -13.12
CA GLU A 374 -20.27 -13.36 -12.36
C GLU A 374 -21.15 -14.10 -11.35
N LYS A 375 -21.73 -15.22 -11.78
CA LYS A 375 -22.53 -16.03 -10.85
C LYS A 375 -21.66 -16.59 -9.73
N GLU A 376 -20.43 -17.01 -10.06
CA GLU A 376 -19.55 -17.56 -9.05
C GLU A 376 -19.07 -16.48 -8.09
N LEU A 377 -18.64 -15.33 -8.62
CA LEU A 377 -18.26 -14.21 -7.76
C LEU A 377 -19.41 -13.76 -6.87
N ALA A 378 -20.64 -14.10 -7.23
CA ALA A 378 -21.78 -13.78 -6.37
C ALA A 378 -21.84 -14.74 -5.19
N ARG A 379 -21.77 -16.05 -5.44
CA ARG A 379 -21.88 -17.03 -4.35
C ARG A 379 -20.74 -16.89 -3.35
N ARG A 380 -19.60 -16.34 -3.77
CA ARG A 380 -18.46 -16.16 -2.88
C ARG A 380 -18.60 -14.94 -1.98
N ARG A 381 -19.57 -14.07 -2.23
CA ARG A 381 -19.75 -12.89 -1.40
C ARG A 381 -20.48 -13.25 -0.11
N GLN A 382 -19.88 -12.91 1.02
CA GLN A 382 -20.40 -13.25 2.33
C GLN A 382 -20.24 -12.04 3.25
N LYS A 383 -21.21 -11.86 4.17
CA LYS A 383 -21.21 -10.70 5.04
C LYS A 383 -20.07 -10.76 6.03
N TYR A 384 -19.56 -9.57 6.33
CA TYR A 384 -18.59 -9.37 7.41
C TYR A 384 -19.21 -9.72 8.74
N GLU A 385 -18.47 -10.45 9.57
CA GLU A 385 -18.95 -10.79 10.91
C GLU A 385 -18.04 -10.19 11.98
N VAL A 389 -14.30 -11.18 20.48
CA VAL A 389 -13.17 -11.33 21.40
C VAL A 389 -13.49 -10.66 22.72
N LYS A 390 -13.10 -11.31 23.83
CA LYS A 390 -13.38 -10.80 25.15
C LYS A 390 -12.74 -9.44 25.37
N GLU A 391 -13.43 -8.58 26.11
CA GLU A 391 -12.91 -7.25 26.41
C GLU A 391 -11.70 -7.37 27.34
N PRO A 392 -10.69 -6.52 27.16
CA PRO A 392 -9.49 -6.60 28.00
C PRO A 392 -9.79 -6.31 29.46
N GLU A 393 -8.86 -6.72 30.32
CA GLU A 393 -8.99 -6.52 31.76
C GLU A 393 -8.75 -5.06 32.12
N ARG A 394 -9.59 -4.55 33.01
CA ARG A 394 -9.46 -3.16 33.45
C ARG A 394 -8.39 -3.02 34.52
N GLY A 395 -7.94 -1.80 34.72
CA GLY A 395 -6.97 -1.47 35.73
C GLY A 395 -5.60 -1.19 35.14
N LEU A 396 -4.70 -0.77 36.02
CA LEU A 396 -3.31 -0.51 35.68
C LEU A 396 -2.48 -1.75 35.98
N TRP A 397 -1.72 -2.20 34.99
CA TRP A 397 -0.94 -3.42 35.12
C TRP A 397 0.55 -3.11 34.98
N GLU A 398 1.36 -3.87 35.71
CA GLU A 398 2.79 -3.63 35.77
C GLU A 398 3.56 -4.88 35.38
N ASN A 399 4.72 -4.68 34.74
CA ASN A 399 5.64 -5.75 34.35
C ASN A 399 5.00 -6.68 33.31
N ILE A 400 4.47 -6.07 32.25
CA ILE A 400 3.74 -6.78 31.21
C ILE A 400 4.70 -7.20 30.11
N VAL A 401 4.52 -8.41 29.60
CA VAL A 401 5.23 -8.88 28.43
C VAL A 401 4.21 -9.16 27.34
N TYR A 402 4.62 -8.97 26.09
CA TYR A 402 3.79 -9.24 24.93
C TYR A 402 4.40 -10.41 24.16
N LEU A 403 3.60 -11.44 23.94
CA LEU A 403 4.01 -12.63 23.20
C LEU A 403 3.12 -12.79 21.98
N ASP A 404 3.73 -13.05 20.84
CA ASP A 404 2.99 -13.16 19.58
C ASP A 404 3.44 -14.40 18.82
N PHE A 405 2.61 -14.79 17.85
CA PHE A 405 2.91 -15.92 16.98
C PHE A 405 3.66 -15.46 15.74
N ARG A 406 4.72 -16.18 15.38
CA ARG A 406 5.44 -15.93 14.13
C ARG A 406 4.60 -16.44 12.98
N SER A 407 4.03 -15.53 12.20
CA SER A 407 3.23 -15.85 11.02
C SER A 407 2.16 -16.89 11.36
N LEU A 408 1.22 -16.49 12.20
CA LEU A 408 0.20 -17.42 12.70
C LEU A 408 -0.51 -18.15 11.57
N TYR A 409 -1.26 -17.40 10.75
CA TYR A 409 -2.00 -18.03 9.66
C TYR A 409 -1.12 -18.77 8.66
N PRO A 410 0.04 -18.24 8.21
CA PRO A 410 0.89 -19.06 7.32
C PRO A 410 1.37 -20.35 7.97
N SER A 411 1.83 -20.28 9.22
CA SER A 411 2.26 -21.48 9.93
C SER A 411 1.14 -22.51 10.02
N ILE A 412 -0.10 -22.05 10.17
CA ILE A 412 -1.24 -22.97 10.25
C ILE A 412 -1.44 -23.70 8.92
N ILE A 413 -1.32 -22.96 7.81
CA ILE A 413 -1.45 -23.58 6.48
C ILE A 413 -0.38 -24.64 6.29
N ILE A 414 0.84 -24.35 6.72
CA ILE A 414 1.94 -25.29 6.52
C ILE A 414 1.80 -26.50 7.44
N THR A 415 1.36 -26.27 8.68
CA THR A 415 1.31 -27.35 9.66
C THR A 415 0.20 -28.35 9.35
N HIS A 416 -0.94 -27.86 8.86
CA HIS A 416 -2.08 -28.73 8.55
C HIS A 416 -2.27 -28.93 7.05
N ASN A 417 -1.32 -28.50 6.23
CA ASN A 417 -1.34 -28.73 4.79
C ASN A 417 -2.66 -28.24 4.18
N VAL A 418 -3.03 -27.01 4.53
CA VAL A 418 -4.30 -26.45 4.11
C VAL A 418 -4.18 -25.90 2.70
N SER A 419 -5.05 -26.35 1.80
CA SER A 419 -4.97 -26.01 0.39
C SER A 419 -6.23 -26.48 -0.32
N PRO A 420 -6.62 -25.83 -1.42
CA PRO A 420 -7.78 -26.34 -2.17
C PRO A 420 -7.55 -27.73 -2.73
N ASP A 421 -6.31 -28.04 -3.13
CA ASP A 421 -6.03 -29.36 -3.71
C ASP A 421 -5.93 -30.46 -2.66
N THR A 422 -5.93 -30.13 -1.37
CA THR A 422 -5.92 -31.15 -0.33
C THR A 422 -7.25 -31.26 0.41
N LEU A 423 -8.13 -30.28 0.27
CA LEU A 423 -9.41 -30.30 0.97
C LEU A 423 -10.23 -31.51 0.55
N ASN A 424 -10.52 -32.39 1.52
CA ASN A 424 -11.40 -33.54 1.33
C ASN A 424 -10.92 -34.47 0.22
N ARG A 425 -9.61 -34.52 -0.01
CA ARG A 425 -9.07 -35.43 -1.02
C ARG A 425 -9.32 -36.87 -0.60
N GLU A 426 -9.96 -37.64 -1.48
CA GLU A 426 -10.37 -39.00 -1.15
C GLU A 426 -9.16 -39.93 -1.15
N GLY A 427 -9.20 -40.92 -0.26
CA GLY A 427 -8.26 -42.01 -0.30
C GLY A 427 -6.93 -41.79 0.37
N CYS A 428 -6.80 -40.75 1.20
CA CYS A 428 -5.57 -40.57 1.94
C CYS A 428 -5.60 -41.42 3.22
N GLY A 429 -4.42 -41.55 3.83
CA GLY A 429 -4.30 -42.31 5.06
C GLY A 429 -4.15 -41.43 6.28
N GLU A 430 -3.93 -40.14 6.06
CA GLU A 430 -3.75 -39.19 7.15
C GLU A 430 -4.38 -37.86 6.80
N TYR A 431 -5.25 -37.37 7.68
CA TYR A 431 -5.88 -36.07 7.53
C TYR A 431 -5.72 -35.29 8.82
N ASP A 432 -5.79 -33.97 8.70
CA ASP A 432 -6.01 -33.09 9.83
C ASP A 432 -7.39 -32.48 9.71
N VAL A 433 -8.08 -32.37 10.85
CA VAL A 433 -9.46 -31.89 10.88
C VAL A 433 -9.47 -30.53 11.55
N ALA A 434 -10.09 -29.56 10.88
CA ALA A 434 -10.12 -28.20 11.39
C ALA A 434 -11.17 -28.10 12.50
N PRO A 435 -10.85 -27.46 13.62
CA PRO A 435 -11.84 -27.36 14.71
C PRO A 435 -13.04 -26.53 14.30
N GLN A 436 -14.20 -26.90 14.85
CA GLN A 436 -15.47 -26.21 14.65
C GLN A 436 -16.02 -26.41 13.24
N VAL A 437 -15.25 -26.02 12.21
CA VAL A 437 -15.73 -26.10 10.83
C VAL A 437 -15.52 -27.47 10.21
N GLY A 438 -14.74 -28.35 10.84
CA GLY A 438 -14.73 -29.76 10.51
C GLY A 438 -14.06 -30.15 9.22
N HIS A 439 -13.52 -29.22 8.45
CA HIS A 439 -12.93 -29.57 7.16
C HIS A 439 -11.71 -30.45 7.35
N ARG A 440 -11.55 -31.43 6.46
CA ARG A 440 -10.48 -32.42 6.53
C ARG A 440 -9.51 -32.17 5.39
N PHE A 441 -8.23 -32.03 5.72
CA PHE A 441 -7.19 -31.78 4.75
C PHE A 441 -6.21 -32.94 4.72
N CYS A 442 -5.96 -33.46 3.53
CA CYS A 442 -5.07 -34.61 3.37
C CYS A 442 -3.63 -34.24 3.71
N LYS A 443 -2.90 -35.21 4.25
CA LYS A 443 -1.52 -35.02 4.68
C LYS A 443 -0.54 -35.93 3.96
N ASP A 444 -1.02 -36.79 3.05
CA ASP A 444 -0.15 -37.73 2.36
C ASP A 444 0.83 -37.00 1.45
N LEU A 445 0.34 -36.02 0.70
CA LEU A 445 1.15 -35.25 -0.23
C LEU A 445 1.08 -33.78 0.11
N PRO A 446 2.20 -33.05 0.03
CA PRO A 446 2.16 -31.61 0.32
C PRO A 446 1.30 -30.86 -0.71
N GLY A 447 0.56 -29.87 -0.22
CA GLY A 447 -0.30 -29.09 -1.07
C GLY A 447 0.43 -27.95 -1.76
N PHE A 448 -0.26 -27.34 -2.73
CA PHE A 448 0.34 -26.27 -3.50
C PHE A 448 0.66 -25.06 -2.62
N ILE A 449 -0.36 -24.50 -1.97
CA ILE A 449 -0.18 -23.32 -1.11
C ILE A 449 0.79 -23.64 0.03
N PRO A 450 0.59 -24.72 0.81
CA PRO A 450 1.54 -24.97 1.91
C PRO A 450 2.98 -25.14 1.44
N SER A 451 3.19 -25.79 0.29
CA SER A 451 4.55 -26.01 -0.18
C SER A 451 5.26 -24.70 -0.50
N LEU A 452 4.57 -23.78 -1.17
CA LEU A 452 5.19 -22.51 -1.51
C LEU A 452 5.30 -21.60 -0.29
N LEU A 453 4.29 -21.64 0.59
CA LEU A 453 4.37 -20.89 1.84
C LEU A 453 5.53 -21.37 2.71
N GLY A 454 5.83 -22.67 2.67
CA GLY A 454 6.99 -23.17 3.40
C GLY A 454 8.30 -22.62 2.87
N ASP A 455 8.46 -22.59 1.55
CA ASP A 455 9.66 -22.03 0.96
C ASP A 455 9.80 -20.54 1.27
N LEU A 456 8.69 -19.82 1.30
CA LEU A 456 8.74 -18.39 1.63
C LEU A 456 9.24 -18.17 3.04
N LEU A 457 8.64 -18.87 4.02
CA LEU A 457 9.03 -18.68 5.41
C LEU A 457 10.46 -19.13 5.64
N GLU A 458 10.87 -20.23 5.01
CA GLU A 458 12.26 -20.67 5.10
C GLU A 458 13.20 -19.63 4.50
N GLU A 459 12.85 -19.10 3.32
CA GLU A 459 13.66 -18.06 2.70
C GLU A 459 13.83 -16.87 3.63
N ARG A 460 12.73 -16.39 4.21
CA ARG A 460 12.78 -15.25 5.12
C ARG A 460 13.71 -15.49 6.29
N GLN A 461 13.76 -16.72 6.80
CA GLN A 461 14.67 -17.01 7.92
C GLN A 461 16.12 -16.96 7.47
N LYS A 462 16.42 -17.50 6.28
CA LYS A 462 17.79 -17.42 5.76
C LYS A 462 18.22 -15.97 5.58
N ILE A 463 17.29 -15.12 5.14
CA ILE A 463 17.66 -13.74 4.83
C ILE A 463 17.86 -12.93 6.10
N LYS A 464 17.10 -13.23 7.16
CA LYS A 464 17.35 -12.59 8.44
C LYS A 464 18.72 -12.97 9.01
N LYS A 465 19.20 -14.17 8.69
CA LYS A 465 20.54 -14.56 9.12
C LYS A 465 21.61 -13.84 8.30
N LYS A 466 21.47 -13.85 6.97
CA LYS A 466 22.42 -13.14 6.12
C LYS A 466 22.42 -11.64 6.42
N MET A 467 21.30 -11.11 6.89
CA MET A 467 21.24 -9.70 7.28
C MET A 467 22.23 -9.41 8.40
N LYS A 468 22.21 -10.24 9.45
CA LYS A 468 23.14 -10.05 10.57
C LYS A 468 24.58 -10.28 10.17
N ALA A 469 24.83 -10.98 9.06
CA ALA A 469 26.18 -11.26 8.57
C ALA A 469 26.51 -10.41 7.33
N THR A 470 26.06 -9.16 7.32
CA THR A 470 26.31 -8.24 6.22
C THR A 470 26.74 -6.90 6.80
N ILE A 471 27.88 -6.40 6.32
CA ILE A 471 28.35 -5.09 6.80
C ILE A 471 27.88 -3.96 5.89
N ASP A 472 27.66 -4.23 4.60
CA ASP A 472 27.20 -3.26 3.63
C ASP A 472 25.81 -2.75 4.02
N PRO A 473 25.69 -1.48 4.40
CA PRO A 473 24.36 -0.96 4.81
C PRO A 473 23.37 -0.89 3.67
N ILE A 474 23.84 -0.78 2.43
CA ILE A 474 22.93 -0.84 1.29
C ILE A 474 22.39 -2.25 1.11
N GLU A 475 23.28 -3.24 1.15
CA GLU A 475 22.87 -4.63 0.99
C GLU A 475 21.96 -5.08 2.12
N ARG A 476 22.27 -4.67 3.35
CA ARG A 476 21.43 -4.99 4.50
C ARG A 476 20.03 -4.43 4.32
N LYS A 477 19.92 -3.18 3.85
CA LYS A 477 18.62 -2.56 3.71
C LYS A 477 17.77 -3.29 2.68
N LEU A 478 18.39 -3.80 1.61
CA LEU A 478 17.65 -4.53 0.59
C LEU A 478 17.24 -5.91 1.06
N LEU A 479 18.12 -6.60 1.80
CA LEU A 479 17.74 -7.84 2.45
C LEU A 479 16.54 -7.62 3.36
N ASP A 480 16.60 -6.57 4.18
CA ASP A 480 15.50 -6.24 5.07
C ASP A 480 14.19 -6.08 4.28
N TYR A 481 14.20 -5.23 3.26
CA TYR A 481 13.04 -5.07 2.40
C TYR A 481 12.52 -6.41 1.91
N ARG A 482 13.42 -7.30 1.49
CA ARG A 482 12.99 -8.61 1.00
C ARG A 482 12.32 -9.41 2.11
N GLN A 483 12.94 -9.48 3.29
CA GLN A 483 12.38 -10.24 4.41
C GLN A 483 11.01 -9.70 4.81
N ARG A 484 10.87 -8.37 4.89
CA ARG A 484 9.60 -7.77 5.27
C ARG A 484 8.53 -8.02 4.21
N LEU A 485 8.90 -7.92 2.94
CA LEU A 485 7.93 -8.17 1.87
C LEU A 485 7.50 -9.62 1.83
N ILE A 486 8.41 -10.54 2.15
CA ILE A 486 8.05 -11.96 2.24
C ILE A 486 6.93 -12.14 3.25
N LYS A 487 7.10 -11.56 4.44
CA LYS A 487 6.08 -11.62 5.48
C LYS A 487 4.74 -11.11 4.95
N ILE A 488 4.75 -9.99 4.23
CA ILE A 488 3.53 -9.46 3.65
C ILE A 488 2.97 -10.42 2.60
N LEU A 489 3.85 -10.97 1.75
CA LEU A 489 3.40 -11.82 0.67
C LEU A 489 2.78 -13.12 1.20
N ALA A 490 3.36 -13.70 2.24
CA ALA A 490 2.80 -14.90 2.85
C ALA A 490 1.40 -14.64 3.37
N ASN A 491 1.21 -13.54 4.09
CA ASN A 491 -0.11 -13.19 4.59
C ASN A 491 -1.07 -12.88 3.45
N SER A 492 -0.58 -12.24 2.39
CA SER A 492 -1.43 -12.00 1.23
C SER A 492 -1.83 -13.31 0.57
N VAL A 493 -0.96 -14.34 0.62
CA VAL A 493 -1.32 -15.64 0.07
C VAL A 493 -2.43 -16.27 0.90
N TYR A 494 -2.37 -16.13 2.22
CA TYR A 494 -3.49 -16.56 3.05
C TYR A 494 -4.75 -15.78 2.70
N GLY A 495 -4.62 -14.47 2.54
CA GLY A 495 -5.78 -13.66 2.22
C GLY A 495 -6.37 -13.99 0.87
N HIS A 496 -5.51 -14.32 -0.10
CA HIS A 496 -5.95 -14.74 -1.42
C HIS A 496 -6.94 -15.89 -1.33
N MET A 497 -6.71 -16.83 -0.41
CA MET A 497 -7.60 -17.98 -0.30
C MET A 497 -9.02 -17.58 0.09
N GLY A 498 -9.19 -16.40 0.68
CA GLY A 498 -10.50 -15.88 1.00
C GLY A 498 -11.02 -14.83 0.05
N PHE A 499 -10.19 -14.33 -0.86
CA PHE A 499 -10.60 -13.28 -1.78
C PHE A 499 -11.61 -13.79 -2.79
N GLU A 500 -12.69 -13.04 -2.97
CA GLU A 500 -13.78 -13.48 -3.83
C GLU A 500 -13.34 -13.65 -5.28
N ASN A 501 -12.42 -12.81 -5.76
CA ASN A 501 -11.97 -12.86 -7.14
C ASN A 501 -10.68 -13.65 -7.30
N ALA A 502 -10.33 -14.47 -6.32
CA ALA A 502 -9.07 -15.18 -6.33
C ALA A 502 -9.15 -16.48 -7.11
N ARG A 503 -8.09 -16.78 -7.86
CA ARG A 503 -8.04 -18.01 -8.64
C ARG A 503 -7.99 -19.23 -7.74
N TRP A 504 -7.08 -19.26 -6.77
CA TRP A 504 -7.01 -20.33 -5.79
C TRP A 504 -7.88 -20.06 -4.58
N TYR A 505 -9.11 -19.58 -4.83
CA TYR A 505 -10.05 -19.32 -3.75
C TYR A 505 -10.48 -20.62 -3.09
N CYS A 506 -10.69 -20.56 -1.78
CA CYS A 506 -11.07 -21.74 -1.00
C CYS A 506 -11.60 -21.23 0.34
N LYS A 507 -12.93 -21.10 0.44
CA LYS A 507 -13.50 -20.62 1.69
C LYS A 507 -13.23 -21.60 2.83
N GLU A 508 -13.37 -22.89 2.57
CA GLU A 508 -13.12 -23.89 3.60
C GLU A 508 -11.69 -23.79 4.12
N CYS A 509 -10.74 -23.50 3.24
CA CYS A 509 -9.35 -23.33 3.68
C CYS A 509 -9.23 -22.12 4.59
N ALA A 510 -9.87 -21.00 4.21
CA ALA A 510 -9.71 -19.76 4.95
C ALA A 510 -10.33 -19.85 6.35
N GLU A 511 -11.61 -20.26 6.42
CA GLU A 511 -12.26 -20.38 7.72
C GLU A 511 -11.66 -21.49 8.57
N SER A 512 -11.03 -22.49 7.95
CA SER A 512 -10.27 -23.46 8.72
C SER A 512 -9.06 -22.81 9.39
N VAL A 513 -8.42 -21.86 8.71
CA VAL A 513 -7.22 -21.26 9.25
C VAL A 513 -7.55 -20.35 10.43
N THR A 514 -8.62 -19.55 10.33
CA THR A 514 -9.02 -18.74 11.46
C THR A 514 -9.47 -19.61 12.63
N ALA A 515 -10.14 -20.72 12.34
CA ALA A 515 -10.58 -21.64 13.40
C ALA A 515 -9.39 -22.22 14.14
N TRP A 516 -8.39 -22.70 13.40
CA TRP A 516 -7.16 -23.17 14.04
C TRP A 516 -6.48 -22.03 14.81
N GLY A 517 -6.54 -20.81 14.27
CA GLY A 517 -5.92 -19.69 14.97
C GLY A 517 -6.55 -19.43 16.32
N ARG A 518 -7.89 -19.39 16.36
CA ARG A 518 -8.59 -19.21 17.63
C ARG A 518 -8.27 -20.33 18.61
N GLU A 519 -8.19 -21.56 18.11
CA GLU A 519 -7.91 -22.70 18.97
C GLU A 519 -6.50 -22.62 19.56
N TYR A 520 -5.52 -22.24 18.75
CA TYR A 520 -4.15 -22.15 19.24
C TYR A 520 -3.95 -20.96 20.16
N LEU A 521 -4.67 -19.86 19.91
CA LEU A 521 -4.53 -18.67 20.75
C LEU A 521 -5.12 -18.92 22.14
N THR A 522 -6.37 -19.38 22.20
CA THR A 522 -7.01 -19.69 23.47
C THR A 522 -6.23 -20.77 24.21
N MET A 523 -5.64 -21.71 23.48
CA MET A 523 -4.84 -22.76 24.12
C MET A 523 -3.59 -22.17 24.75
N THR A 524 -2.86 -21.34 24.01
CA THR A 524 -1.66 -20.70 24.56
C THR A 524 -1.98 -19.91 25.81
N ILE A 525 -3.13 -19.23 25.84
CA ILE A 525 -3.52 -18.45 27.00
C ILE A 525 -3.84 -19.36 28.18
N LYS A 526 -4.61 -20.42 27.93
CA LYS A 526 -4.92 -21.37 28.99
C LYS A 526 -3.67 -21.98 29.60
N GLU A 527 -2.62 -22.16 28.79
CA GLU A 527 -1.40 -22.79 29.30
C GLU A 527 -0.57 -21.82 30.14
N ILE A 528 -0.49 -20.55 29.73
CA ILE A 528 0.33 -19.61 30.48
C ILE A 528 -0.31 -19.26 31.81
N GLU A 529 -1.64 -19.31 31.89
CA GLU A 529 -2.31 -18.99 33.14
C GLU A 529 -2.36 -20.19 34.09
N GLU A 530 -2.72 -21.37 33.58
CA GLU A 530 -2.87 -22.54 34.44
C GLU A 530 -1.53 -23.09 34.90
N LYS A 531 -0.55 -23.21 34.00
CA LYS A 531 0.71 -23.85 34.36
C LYS A 531 1.82 -22.88 34.69
N TYR A 532 1.62 -21.57 34.48
CA TYR A 532 2.64 -20.60 34.82
C TYR A 532 2.13 -19.45 35.68
N GLY A 533 0.88 -19.50 36.15
CA GLY A 533 0.36 -18.47 37.03
C GLY A 533 0.27 -17.09 36.43
N PHE A 534 0.45 -16.96 35.12
CA PHE A 534 0.25 -15.67 34.45
C PHE A 534 -1.23 -15.28 34.46
N LYS A 535 -1.46 -13.99 34.25
CA LYS A 535 -2.79 -13.46 33.92
C LYS A 535 -2.67 -12.76 32.58
N VAL A 536 -3.34 -13.31 31.57
CA VAL A 536 -3.43 -12.64 30.28
C VAL A 536 -4.35 -11.44 30.40
N ILE A 537 -3.83 -10.27 30.10
CA ILE A 537 -4.55 -9.01 30.26
C ILE A 537 -5.29 -8.62 29.00
N TYR A 538 -4.70 -8.90 27.84
CA TYR A 538 -5.25 -8.45 26.57
C TYR A 538 -4.79 -9.43 25.50
N SER A 539 -5.66 -9.69 24.52
CA SER A 539 -5.34 -10.64 23.46
C SER A 539 -6.10 -10.25 22.19
N ASP A 540 -5.41 -10.32 21.06
CA ASP A 540 -6.05 -10.03 19.77
C ASP A 540 -5.41 -10.91 18.71
N THR A 541 -6.12 -11.96 18.30
CA THR A 541 -5.86 -12.77 17.12
C THR A 541 -4.60 -13.62 17.23
N ASP A 542 -3.43 -12.98 17.30
CA ASP A 542 -2.17 -13.69 17.21
C ASP A 542 -1.16 -13.30 18.29
N GLY A 543 -1.60 -12.63 19.35
CA GLY A 543 -0.68 -12.25 20.41
C GLY A 543 -1.45 -11.86 21.66
N PHE A 544 -0.72 -11.73 22.75
CA PHE A 544 -1.36 -11.34 24.01
C PHE A 544 -0.37 -10.63 24.92
N PHE A 545 -0.92 -9.78 25.78
CA PHE A 545 -0.22 -9.16 26.90
C PHE A 545 -0.50 -9.96 28.16
N ALA A 546 0.53 -10.19 28.97
CA ALA A 546 0.33 -10.93 30.22
C ALA A 546 1.44 -10.57 31.20
N THR A 547 1.15 -10.84 32.47
CA THR A 547 2.11 -10.63 33.55
C THR A 547 1.81 -11.63 34.65
N ILE A 548 2.78 -11.85 35.52
CA ILE A 548 2.55 -12.56 36.77
C ILE A 548 1.97 -11.55 37.74
N PRO A 549 0.75 -11.75 38.23
CA PRO A 549 0.19 -10.82 39.23
C PRO A 549 1.10 -10.74 40.46
N GLY A 550 1.46 -9.53 40.83
CA GLY A 550 2.38 -9.32 41.94
C GLY A 550 3.71 -10.00 41.77
N ALA A 551 4.58 -9.44 40.92
CA ALA A 551 5.87 -10.06 40.65
C ALA A 551 6.85 -9.00 40.19
N ASP A 552 8.13 -9.22 40.52
CA ASP A 552 9.16 -8.32 40.05
C ASP A 552 9.38 -8.51 38.55
N ALA A 553 10.12 -7.58 37.94
CA ALA A 553 10.29 -7.61 36.49
C ALA A 553 11.03 -8.85 36.03
N GLU A 554 12.13 -9.21 36.71
CA GLU A 554 12.95 -10.32 36.22
C GLU A 554 12.21 -11.65 36.32
N THR A 555 11.47 -11.88 37.40
CA THR A 555 10.69 -13.12 37.52
C THR A 555 9.73 -13.27 36.36
N VAL A 556 9.10 -12.17 35.94
CA VAL A 556 8.16 -12.24 34.81
C VAL A 556 8.89 -12.59 33.53
N LYS A 557 9.99 -11.90 33.25
CA LYS A 557 10.73 -12.11 32.00
C LYS A 557 11.30 -13.52 31.93
N LYS A 558 11.91 -13.98 33.03
CA LYS A 558 12.49 -15.31 33.06
C LYS A 558 11.42 -16.39 32.93
N LYS A 559 10.37 -16.29 33.75
CA LYS A 559 9.27 -17.25 33.66
C LYS A 559 8.60 -17.21 32.29
N ALA A 560 8.65 -16.07 31.62
CA ALA A 560 8.07 -15.97 30.28
C ALA A 560 8.89 -16.77 29.27
N MET A 561 10.21 -16.59 29.29
CA MET A 561 11.07 -17.36 28.39
C MET A 561 10.92 -18.86 28.62
N GLU A 562 10.68 -19.27 29.87
CA GLU A 562 10.43 -20.68 30.15
C GLU A 562 9.12 -21.14 29.52
N PHE A 563 8.09 -20.30 29.57
CA PHE A 563 6.83 -20.63 28.90
C PHE A 563 7.02 -20.78 27.40
N LEU A 564 7.97 -20.03 26.81
CA LEU A 564 8.22 -20.14 25.39
C LEU A 564 8.82 -21.49 25.02
N LYS A 565 9.82 -21.93 25.78
CA LYS A 565 10.35 -23.28 25.58
C LYS A 565 9.26 -24.32 25.74
N TYR A 566 8.42 -24.17 26.76
CA TYR A 566 7.38 -25.15 27.03
C TYR A 566 6.35 -25.18 25.90
N ILE A 567 5.83 -24.01 25.53
CA ILE A 567 4.75 -23.98 24.55
C ILE A 567 5.26 -24.29 23.15
N ASN A 568 6.48 -23.86 22.83
CA ASN A 568 7.01 -24.13 21.49
C ASN A 568 7.23 -25.62 21.28
N ALA A 569 7.66 -26.33 22.32
CA ALA A 569 7.75 -27.78 22.22
C ALA A 569 6.38 -28.42 22.09
N LYS A 570 5.39 -27.91 22.83
CA LYS A 570 4.05 -28.47 22.76
C LYS A 570 3.35 -28.13 21.45
N LEU A 571 3.69 -27.00 20.83
CA LEU A 571 2.99 -26.57 19.64
C LEU A 571 3.36 -27.44 18.44
N PRO A 572 2.40 -27.73 17.56
CA PRO A 572 2.70 -28.60 16.42
C PRO A 572 3.38 -27.84 15.30
N GLY A 573 4.36 -28.49 14.69
CA GLY A 573 4.89 -28.04 13.42
C GLY A 573 5.51 -26.67 13.48
N ALA A 574 5.03 -25.78 12.61
CA ALA A 574 5.60 -24.45 12.46
C ALA A 574 4.97 -23.42 13.38
N LEU A 575 3.97 -23.81 14.17
CA LEU A 575 3.40 -22.92 15.17
C LEU A 575 4.47 -22.56 16.18
N GLU A 576 4.78 -21.27 16.29
CA GLU A 576 5.83 -20.82 17.20
C GLU A 576 5.46 -19.49 17.82
N LEU A 577 5.59 -19.43 19.14
CA LEU A 577 5.39 -18.20 19.91
C LEU A 577 6.74 -17.56 20.19
N GLU A 578 6.76 -16.23 20.21
CA GLU A 578 7.99 -15.48 20.39
C GLU A 578 7.74 -14.31 21.34
N TYR A 579 8.84 -13.73 21.80
CA TYR A 579 8.84 -12.64 22.77
C TYR A 579 9.06 -11.33 22.02
N GLU A 580 8.07 -10.42 22.10
CA GLU A 580 8.14 -9.16 21.37
C GLU A 580 8.70 -8.03 22.22
N GLY A 581 8.19 -7.84 23.44
CA GLY A 581 8.68 -6.75 24.26
C GLY A 581 8.24 -6.86 25.70
N PHE A 582 8.93 -6.09 26.54
CA PHE A 582 8.58 -5.89 27.93
C PHE A 582 8.08 -4.47 28.11
N TYR A 583 7.16 -4.29 29.06
CA TYR A 583 6.54 -3.00 29.31
C TYR A 583 6.41 -2.82 30.81
N LYS A 584 7.02 -1.76 31.34
CA LYS A 584 6.99 -1.52 32.79
C LYS A 584 5.56 -1.39 33.29
N ARG A 585 4.72 -0.65 32.57
CA ARG A 585 3.34 -0.48 32.97
C ARG A 585 2.48 -0.31 31.72
N GLY A 586 1.18 -0.55 31.90
CA GLY A 586 0.25 -0.42 30.81
C GLY A 586 -1.19 -0.63 31.25
N PHE A 587 -2.11 0.01 30.57
CA PHE A 587 -3.54 -0.16 30.81
C PHE A 587 -4.24 -0.38 29.49
N PHE A 588 -5.36 -1.10 29.54
CA PHE A 588 -6.03 -1.57 28.34
C PHE A 588 -7.52 -1.25 28.46
N VAL A 589 -8.01 -0.39 27.57
CA VAL A 589 -9.34 0.18 27.65
C VAL A 589 -10.35 -0.75 26.99
N THR A 590 -10.21 -0.91 25.67
CA THR A 590 -11.07 -1.77 24.89
C THR A 590 -10.23 -2.40 23.80
N LYS A 591 -10.83 -3.35 23.08
CA LYS A 591 -10.16 -3.97 21.94
C LYS A 591 -9.61 -2.92 21.00
N LYS A 592 -8.32 -3.04 20.68
CA LYS A 592 -7.60 -2.13 19.78
C LYS A 592 -7.47 -0.72 20.37
N LYS A 593 -7.48 -0.62 21.70
CA LYS A 593 -7.39 0.69 22.35
C LYS A 593 -6.71 0.50 23.70
N TYR A 594 -5.42 0.86 23.77
CA TYR A 594 -4.65 0.62 24.99
C TYR A 594 -3.43 1.53 24.99
N ALA A 595 -2.70 1.50 26.10
CA ALA A 595 -1.47 2.28 26.24
C ALA A 595 -0.49 1.55 27.14
N VAL A 596 0.77 1.46 26.68
CA VAL A 596 1.84 0.81 27.42
C VAL A 596 3.07 1.71 27.37
N ILE A 597 3.98 1.50 28.32
CA ILE A 597 5.21 2.28 28.38
C ILE A 597 6.41 1.33 28.41
N ASP A 598 7.37 1.59 27.52
CA ASP A 598 8.64 0.90 27.50
C ASP A 598 9.48 1.38 28.69
N GLU A 599 10.34 0.48 29.20
CA GLU A 599 11.15 0.79 30.37
C GLU A 599 11.96 2.06 30.18
N GLU A 600 12.47 2.28 28.97
CA GLU A 600 13.24 3.48 28.67
C GLU A 600 12.39 4.74 28.67
N GLY A 601 11.07 4.62 28.82
CA GLY A 601 10.16 5.75 28.87
C GLY A 601 9.26 5.86 27.66
N LYS A 602 9.69 5.31 26.52
CA LYS A 602 8.95 5.44 25.27
C LYS A 602 7.56 4.85 25.42
N ILE A 603 6.55 5.69 25.29
CA ILE A 603 5.17 5.27 25.42
C ILE A 603 4.64 4.89 24.05
N THR A 604 3.76 3.89 24.03
CA THR A 604 3.13 3.43 22.80
C THR A 604 1.64 3.28 23.03
N THR A 605 0.87 3.61 22.01
CA THR A 605 -0.58 3.66 22.14
C THR A 605 -1.23 3.07 20.90
N ARG A 606 -2.40 2.46 21.08
CA ARG A 606 -3.13 1.84 19.98
C ARG A 606 -4.42 2.64 19.75
N GLY A 607 -4.41 3.44 18.69
CA GLY A 607 -5.57 4.22 18.28
C GLY A 607 -6.16 5.18 19.32
N LEU A 608 -5.40 5.53 20.34
CA LEU A 608 -5.98 6.24 21.47
C LEU A 608 -6.11 7.74 21.24
N GLU A 609 -5.96 8.22 20.01
CA GLU A 609 -5.89 9.64 19.70
C GLU A 609 -4.71 10.28 20.42
N ILE A 610 -3.76 10.86 19.68
CA ILE A 610 -2.64 11.54 20.32
C ILE A 610 -2.14 12.59 19.33
N VAL A 611 -2.38 12.35 18.05
CA VAL A 611 -2.03 13.30 17.00
C VAL A 611 -3.23 13.73 16.18
N ARG A 612 -4.44 13.33 16.59
CA ARG A 612 -5.68 13.75 15.92
C ARG A 612 -5.69 15.26 15.74
N ARG A 613 -5.39 15.73 14.54
CA ARG A 613 -5.33 17.17 14.26
C ARG A 613 -6.71 17.80 14.37
N ASP A 614 -7.76 16.99 14.34
CA ASP A 614 -9.10 17.47 14.62
C ASP A 614 -9.18 18.21 15.95
N TRP A 615 -8.19 18.05 16.81
CA TRP A 615 -8.24 18.49 18.19
C TRP A 615 -7.31 19.66 18.44
N SER A 616 -7.53 20.34 19.57
CA SER A 616 -6.77 21.51 19.96
C SER A 616 -5.60 21.13 20.84
N GLU A 617 -4.61 22.03 20.90
CA GLU A 617 -3.41 21.76 21.69
C GLU A 617 -3.75 21.53 23.16
N ILE A 618 -4.74 22.26 23.68
CA ILE A 618 -5.10 22.12 25.09
C ILE A 618 -5.56 20.69 25.37
N ALA A 619 -6.26 20.07 24.43
CA ALA A 619 -6.77 18.71 24.64
C ALA A 619 -5.67 17.66 24.49
N LYS A 620 -4.82 17.81 23.47
CA LYS A 620 -3.70 16.89 23.30
C LYS A 620 -2.76 16.94 24.50
N GLU A 621 -2.45 18.15 24.96
CA GLU A 621 -1.58 18.34 26.12
C GLU A 621 -2.12 17.57 27.32
N THR A 622 -3.40 17.80 27.66
CA THR A 622 -4.00 17.11 28.80
C THR A 622 -3.94 15.60 28.63
N GLN A 623 -4.23 15.11 27.42
CA GLN A 623 -4.12 13.68 27.16
C GLN A 623 -2.72 13.15 27.46
N ALA A 624 -1.70 13.84 26.95
CA ALA A 624 -0.33 13.42 27.18
C ALA A 624 -0.01 13.37 28.68
N ARG A 625 -0.28 14.48 29.38
CA ARG A 625 0.03 14.53 30.80
C ARG A 625 -0.71 13.44 31.58
N VAL A 626 -1.96 13.15 31.20
CA VAL A 626 -2.70 12.08 31.85
C VAL A 626 -2.01 10.74 31.62
N LEU A 627 -1.51 10.50 30.40
CA LEU A 627 -0.85 9.24 30.10
C LEU A 627 0.40 9.05 30.95
N GLU A 628 1.19 10.11 31.13
CA GLU A 628 2.40 10.01 31.94
C GLU A 628 2.07 9.69 33.39
N ALA A 629 1.18 10.48 34.00
CA ALA A 629 0.75 10.19 35.36
C ALA A 629 0.16 8.78 35.49
N LEU A 630 -0.37 8.22 34.41
CA LEU A 630 -0.90 6.86 34.48
C LEU A 630 0.19 5.81 34.27
N LEU A 631 1.13 6.06 33.37
CA LEU A 631 2.10 5.03 32.99
C LEU A 631 3.49 5.23 33.56
N LYS A 632 3.99 6.47 33.58
CA LYS A 632 5.29 6.69 34.20
C LYS A 632 5.17 6.86 35.72
N ASP A 633 4.01 7.29 36.21
CA ASP A 633 3.84 7.54 37.64
C ASP A 633 2.95 6.54 38.34
N GLY A 634 1.92 6.03 37.67
CA GLY A 634 1.01 5.10 38.30
C GLY A 634 0.02 5.72 39.26
N ASP A 635 -0.12 7.05 39.26
CA ASP A 635 -1.08 7.74 40.10
C ASP A 635 -2.30 8.09 39.24
N VAL A 636 -3.41 7.38 39.45
CA VAL A 636 -4.64 7.74 38.76
C VAL A 636 -5.14 9.09 39.27
N GLU A 637 -4.99 9.34 40.57
CA GLU A 637 -5.48 10.58 41.16
C GLU A 637 -4.69 11.79 40.66
N LYS A 638 -3.39 11.64 40.41
CA LYS A 638 -2.64 12.74 39.82
C LYS A 638 -3.18 13.09 38.44
N ALA A 639 -3.54 12.08 37.66
CA ALA A 639 -4.13 12.32 36.34
C ALA A 639 -5.43 13.09 36.46
N VAL A 640 -6.35 12.61 37.31
CA VAL A 640 -7.65 13.28 37.44
C VAL A 640 -7.49 14.66 38.04
N ARG A 641 -6.47 14.86 38.87
CA ARG A 641 -6.15 16.20 39.36
C ARG A 641 -5.79 17.11 38.20
N ILE A 642 -4.94 16.61 37.29
CA ILE A 642 -4.55 17.37 36.10
C ILE A 642 -5.78 17.82 35.32
N VAL A 643 -6.77 16.94 35.20
CA VAL A 643 -7.96 17.25 34.43
C VAL A 643 -8.79 18.32 35.12
N LYS A 644 -8.93 18.24 36.45
CA LYS A 644 -9.65 19.29 37.17
C LYS A 644 -8.87 20.60 37.15
N GLU A 645 -7.54 20.52 37.12
CA GLU A 645 -6.72 21.73 37.05
C GLU A 645 -6.93 22.44 35.71
N VAL A 646 -6.95 21.68 34.62
CA VAL A 646 -7.04 22.31 33.30
C VAL A 646 -8.45 22.80 33.02
N THR A 647 -9.47 22.06 33.47
CA THR A 647 -10.84 22.52 33.28
C THR A 647 -11.11 23.80 34.07
N GLU A 648 -10.52 23.92 35.26
CA GLU A 648 -10.65 25.16 36.01
C GLU A 648 -9.88 26.28 35.33
N LYS A 649 -8.63 26.01 34.91
CA LYS A 649 -7.85 27.03 34.24
C LYS A 649 -8.55 27.55 32.98
N LEU A 650 -9.27 26.67 32.27
CA LEU A 650 -10.06 27.12 31.13
C LEU A 650 -11.22 28.00 31.58
N SER A 651 -11.91 27.61 32.65
CA SER A 651 -13.08 28.36 33.11
C SER A 651 -12.71 29.75 33.61
N LYS A 652 -11.50 29.92 34.15
CA LYS A 652 -11.04 31.21 34.61
C LYS A 652 -10.42 32.04 33.50
N TYR A 653 -10.58 31.61 32.24
CA TYR A 653 -9.95 32.24 31.08
C TYR A 653 -8.47 32.49 31.34
N GLU A 654 -7.77 31.42 31.72
CA GLU A 654 -6.35 31.45 32.03
C GLU A 654 -5.54 30.49 31.16
N VAL A 655 -6.09 30.06 30.04
CA VAL A 655 -5.42 29.14 29.13
C VAL A 655 -5.07 29.90 27.87
N PRO A 656 -3.81 29.90 27.44
CA PRO A 656 -3.40 30.69 26.28
C PRO A 656 -4.27 30.38 25.08
N PRO A 657 -4.95 31.39 24.52
CA PRO A 657 -5.84 31.14 23.37
C PRO A 657 -5.15 30.40 22.23
N GLU A 658 -3.83 30.53 22.12
CA GLU A 658 -3.08 29.87 21.08
C GLU A 658 -3.19 28.34 21.18
N LYS A 659 -3.46 27.82 22.38
CA LYS A 659 -3.66 26.40 22.59
C LYS A 659 -5.11 25.97 22.37
N LEU A 660 -5.98 26.88 21.95
CA LEU A 660 -7.38 26.58 21.70
C LEU A 660 -7.70 26.52 20.21
N VAL A 661 -6.72 26.73 19.34
CA VAL A 661 -6.97 26.75 17.91
C VAL A 661 -7.23 25.35 17.41
N ILE A 662 -8.32 25.18 16.68
CA ILE A 662 -8.69 23.91 16.07
C ILE A 662 -8.35 23.98 14.59
N HIS A 663 -7.48 23.07 14.15
CA HIS A 663 -7.03 23.04 12.76
C HIS A 663 -7.80 21.94 12.03
N LYS A 664 -8.62 22.35 11.06
CA LYS A 664 -9.44 21.43 10.27
C LYS A 664 -9.21 21.69 8.79
N GLN A 665 -9.16 20.63 8.01
CA GLN A 665 -8.89 20.73 6.58
C GLN A 665 -10.19 20.78 5.80
N ILE A 666 -10.26 21.71 4.85
CA ILE A 666 -11.37 21.76 3.91
C ILE A 666 -11.11 20.72 2.82
N THR A 667 -12.06 19.84 2.58
CA THR A 667 -11.83 18.73 1.67
C THR A 667 -12.20 19.04 0.23
N ARG A 668 -13.15 19.96 0.00
CA ARG A 668 -13.71 20.15 -1.33
C ARG A 668 -14.06 21.62 -1.52
N ASP A 669 -14.73 21.92 -2.63
CA ASP A 669 -15.25 23.26 -2.86
C ASP A 669 -16.41 23.55 -1.92
N LEU A 670 -16.52 24.81 -1.49
CA LEU A 670 -17.60 25.19 -0.59
C LEU A 670 -18.97 24.96 -1.21
N LYS A 671 -19.09 25.16 -2.53
CA LYS A 671 -20.35 24.93 -3.21
C LYS A 671 -20.75 23.46 -3.14
N ASP A 672 -19.80 22.55 -2.94
CA ASP A 672 -20.06 21.13 -2.87
C ASP A 672 -20.18 20.63 -1.42
N TYR A 673 -20.44 21.52 -0.47
CA TYR A 673 -20.64 21.16 0.93
C TYR A 673 -22.12 21.19 1.24
N LYS A 674 -22.69 20.02 1.57
CA LYS A 674 -24.11 19.93 1.89
C LYS A 674 -24.38 20.35 3.33
N ALA A 675 -23.60 19.82 4.28
CA ALA A 675 -23.71 20.19 5.68
C ALA A 675 -22.60 21.18 6.01
N THR A 676 -22.98 22.34 6.53
CA THR A 676 -22.04 23.42 6.82
C THR A 676 -21.62 23.31 8.28
N GLY A 677 -20.42 22.77 8.51
CA GLY A 677 -19.89 22.64 9.85
C GLY A 677 -19.17 23.90 10.29
N PRO A 678 -18.59 23.87 11.50
CA PRO A 678 -17.96 25.11 12.02
C PRO A 678 -16.80 25.61 11.16
N HIS A 679 -15.87 24.74 10.78
CA HIS A 679 -14.78 25.16 9.90
C HIS A 679 -15.31 25.55 8.53
N VAL A 680 -16.36 24.87 8.06
CA VAL A 680 -16.95 25.20 6.77
C VAL A 680 -17.62 26.56 6.81
N ALA A 681 -18.28 26.89 7.92
CA ALA A 681 -18.94 28.18 8.05
C ALA A 681 -17.93 29.31 8.09
N VAL A 682 -16.75 29.07 8.68
CA VAL A 682 -15.68 30.07 8.63
C VAL A 682 -15.14 30.17 7.22
N ALA A 683 -14.98 29.03 6.54
CA ALA A 683 -14.46 29.04 5.18
C ALA A 683 -15.38 29.80 4.24
N LYS A 684 -16.70 29.57 4.35
CA LYS A 684 -17.65 30.31 3.53
C LYS A 684 -17.66 31.79 3.90
N ARG A 685 -17.46 32.11 5.18
CA ARG A 685 -17.40 33.51 5.59
C ARG A 685 -16.14 34.18 5.04
N LEU A 686 -15.02 33.46 5.05
CA LEU A 686 -13.77 34.01 4.52
C LEU A 686 -13.83 34.17 3.00
N ALA A 687 -14.46 33.21 2.32
CA ALA A 687 -14.56 33.29 0.86
C ALA A 687 -15.30 34.54 0.41
N ALA A 688 -16.32 34.95 1.18
CA ALA A 688 -17.04 36.17 0.82
C ALA A 688 -16.19 37.41 1.07
N ARG A 689 -15.38 37.40 2.12
CA ARG A 689 -14.52 38.54 2.42
C ARG A 689 -13.42 38.74 1.39
N GLY A 690 -13.19 37.75 0.53
CA GLY A 690 -12.21 37.87 -0.54
C GLY A 690 -11.13 36.82 -0.53
N VAL A 691 -11.01 36.01 0.53
CA VAL A 691 -9.97 34.99 0.54
C VAL A 691 -10.30 33.90 -0.46
N LYS A 692 -9.26 33.16 -0.86
CA LYS A 692 -9.38 32.02 -1.74
C LYS A 692 -9.23 30.76 -0.90
N ILE A 693 -10.32 30.07 -0.67
CA ILE A 693 -10.27 28.73 -0.10
C ILE A 693 -10.32 27.74 -1.24
N ARG A 694 -9.74 26.57 -1.01
CA ARG A 694 -9.64 25.55 -2.04
C ARG A 694 -9.56 24.21 -1.34
N PRO A 695 -9.93 23.12 -2.05
CA PRO A 695 -9.70 21.79 -1.49
C PRO A 695 -8.29 21.63 -0.97
N GLY A 696 -8.15 21.44 0.34
CA GLY A 696 -6.85 21.29 0.97
C GLY A 696 -6.45 22.40 1.92
N THR A 697 -7.16 23.53 1.93
CA THR A 697 -6.81 24.60 2.85
C THR A 697 -7.12 24.20 4.29
N VAL A 698 -6.32 24.74 5.21
CA VAL A 698 -6.47 24.48 6.64
C VAL A 698 -7.09 25.70 7.28
N ILE A 699 -8.10 25.47 8.13
CA ILE A 699 -8.76 26.55 8.86
C ILE A 699 -8.34 26.45 10.32
N SER A 700 -7.72 27.52 10.82
CA SER A 700 -7.26 27.61 12.20
C SER A 700 -8.22 28.53 12.93
N TYR A 701 -9.23 27.96 13.58
CA TYR A 701 -10.28 28.76 14.19
C TYR A 701 -10.33 28.53 15.69
N ILE A 702 -11.06 29.41 16.35
CA ILE A 702 -11.28 29.37 17.80
C ILE A 702 -12.77 29.59 18.03
N VAL A 703 -13.30 28.95 19.06
CA VAL A 703 -14.72 29.03 19.39
C VAL A 703 -14.90 30.09 20.46
N LEU A 704 -15.77 31.05 20.21
CA LEU A 704 -16.07 32.12 21.15
C LEU A 704 -17.32 31.79 21.95
N LYS A 705 -17.46 32.46 23.09
CA LYS A 705 -18.55 32.19 24.01
C LYS A 705 -19.87 32.69 23.45
N GLY A 706 -20.87 31.82 23.44
CA GLY A 706 -22.19 32.20 22.99
C GLY A 706 -23.11 31.00 23.03
N SER A 707 -24.39 31.27 22.80
CA SER A 707 -25.36 30.21 22.56
C SER A 707 -25.51 30.04 21.05
N GLY A 708 -26.46 29.22 20.64
CA GLY A 708 -26.60 28.98 19.22
C GLY A 708 -25.44 28.16 18.66
N ARG A 709 -25.35 28.19 17.33
CA ARG A 709 -24.45 27.28 16.62
C ARG A 709 -22.98 27.59 16.90
N ILE A 710 -22.18 26.52 16.93
CA ILE A 710 -20.74 26.66 17.12
C ILE A 710 -20.11 27.40 15.94
N GLY A 711 -20.62 27.15 14.73
CA GLY A 711 -20.11 27.80 13.54
C GLY A 711 -20.28 29.30 13.54
N ASP A 712 -21.32 29.80 14.21
CA ASP A 712 -21.55 31.24 14.29
C ASP A 712 -20.61 31.93 15.27
N ARG A 713 -20.06 31.20 16.23
CA ARG A 713 -19.14 31.75 17.22
C ARG A 713 -17.68 31.47 16.89
N ALA A 714 -17.41 30.77 15.79
CA ALA A 714 -16.06 30.43 15.40
C ALA A 714 -15.47 31.54 14.53
N ILE A 715 -14.31 32.05 14.93
CA ILE A 715 -13.58 33.04 14.16
C ILE A 715 -12.20 32.46 13.87
N PRO A 716 -11.53 32.95 12.83
CA PRO A 716 -10.14 32.53 12.60
C PRO A 716 -9.22 33.09 13.67
N PHE A 717 -8.15 32.35 13.95
CA PHE A 717 -7.28 32.70 15.07
C PHE A 717 -6.48 33.96 14.80
N ASP A 718 -6.09 34.19 13.54
CA ASP A 718 -5.45 35.46 13.22
C ASP A 718 -6.40 36.64 13.37
N GLU A 719 -7.70 36.38 13.45
CA GLU A 719 -8.70 37.40 13.76
C GLU A 719 -8.98 37.53 15.25
N PHE A 720 -8.27 36.77 16.10
CA PHE A 720 -8.56 36.74 17.52
C PHE A 720 -7.86 37.89 18.24
N ASP A 721 -8.61 38.61 19.07
CA ASP A 721 -8.06 39.67 19.91
C ASP A 721 -8.47 39.41 21.36
N PRO A 722 -7.51 39.17 22.26
CA PRO A 722 -7.85 38.81 23.64
C PRO A 722 -8.56 39.88 24.46
N THR A 723 -8.82 41.06 23.89
CA THR A 723 -9.48 42.13 24.61
C THR A 723 -10.89 42.42 24.14
N LYS A 724 -11.32 41.85 23.01
CA LYS A 724 -12.70 42.00 22.54
C LYS A 724 -13.30 40.68 22.10
N HIS A 725 -12.62 39.56 22.34
CA HIS A 725 -13.12 38.23 22.06
C HIS A 725 -12.94 37.38 23.32
N ARG A 726 -13.97 36.64 23.69
CA ARG A 726 -13.92 35.69 24.79
C ARG A 726 -14.21 34.31 24.25
N TYR A 727 -13.31 33.36 24.51
CA TYR A 727 -13.50 32.02 23.99
C TYR A 727 -14.45 31.23 24.88
N ASP A 728 -15.02 30.18 24.30
CA ASP A 728 -16.03 29.38 24.98
C ASP A 728 -15.35 28.35 25.87
N ALA A 729 -15.15 28.71 27.14
CA ALA A 729 -14.52 27.81 28.09
C ALA A 729 -15.32 26.52 28.22
N GLU A 730 -16.66 26.61 28.27
CA GLU A 730 -17.49 25.42 28.37
C GLU A 730 -17.28 24.49 27.19
N TYR A 731 -17.17 25.05 25.98
CA TYR A 731 -16.97 24.21 24.80
C TYR A 731 -15.66 23.44 24.90
N TYR A 732 -14.56 24.13 25.23
CA TYR A 732 -13.27 23.46 25.30
C TYR A 732 -13.18 22.51 26.48
N ILE A 733 -13.99 22.72 27.52
CA ILE A 733 -14.04 21.76 28.63
C ILE A 733 -14.85 20.54 28.24
N GLU A 734 -16.13 20.75 27.88
CA GLU A 734 -17.06 19.65 27.70
C GLU A 734 -16.92 18.96 26.34
N LYS A 735 -16.23 19.59 25.38
CA LYS A 735 -16.16 19.03 24.03
C LYS A 735 -14.74 18.97 23.46
N GLN A 736 -13.72 19.16 24.29
CA GLN A 736 -12.34 18.97 23.82
C GLN A 736 -11.53 18.20 24.86
N VAL A 737 -11.40 18.76 26.06
CA VAL A 737 -10.55 18.14 27.08
C VAL A 737 -11.23 16.92 27.68
N LEU A 738 -12.46 17.07 28.15
CA LEU A 738 -13.16 15.93 28.76
C LEU A 738 -13.37 14.78 27.78
N PRO A 739 -13.82 14.99 26.55
CA PRO A 739 -13.88 13.86 25.61
C PRO A 739 -12.53 13.24 25.33
N ALA A 740 -11.44 13.98 25.50
CA ALA A 740 -10.11 13.44 25.28
C ALA A 740 -9.76 12.38 26.33
N VAL A 741 -10.12 12.63 27.59
CA VAL A 741 -9.67 11.82 28.70
C VAL A 741 -10.78 10.97 29.29
N GLU A 742 -11.99 11.03 28.75
CA GLU A 742 -13.11 10.36 29.40
C GLU A 742 -13.01 8.84 29.26
N ARG A 743 -12.74 8.36 28.05
CA ARG A 743 -12.66 6.91 27.84
C ARG A 743 -11.49 6.32 28.60
N ILE A 744 -10.38 7.05 28.69
CA ILE A 744 -9.20 6.57 29.40
C ILE A 744 -9.52 6.39 30.88
N LEU A 745 -10.19 7.36 31.48
CA LEU A 745 -10.49 7.35 32.90
C LEU A 745 -11.85 6.78 33.23
N ARG A 746 -12.58 6.25 32.24
CA ARG A 746 -13.77 5.47 32.52
C ARG A 746 -13.45 4.02 32.82
N ALA A 747 -12.37 3.50 32.23
CA ALA A 747 -11.84 2.20 32.62
C ALA A 747 -11.38 2.17 34.07
N PHE A 748 -11.23 3.33 34.70
CA PHE A 748 -10.88 3.44 36.11
C PHE A 748 -12.09 3.80 36.97
N GLY A 749 -13.29 3.76 36.42
CA GLY A 749 -14.50 4.02 37.18
C GLY A 749 -14.85 5.47 37.37
N TYR A 750 -14.04 6.40 36.86
CA TYR A 750 -14.32 7.82 36.99
C TYR A 750 -15.26 8.26 35.87
N ARG A 751 -16.40 8.83 36.24
CA ARG A 751 -17.38 9.35 35.30
C ARG A 751 -17.10 10.84 35.03
N LYS A 752 -17.49 11.28 33.83
CA LYS A 752 -17.20 12.63 33.34
C LYS A 752 -17.43 13.70 34.41
N GLU A 753 -18.42 13.49 35.26
CA GLU A 753 -18.84 14.45 36.26
C GLU A 753 -17.81 14.60 37.38
N ASP A 754 -16.86 13.68 37.49
CA ASP A 754 -15.78 13.69 38.45
C ASP A 754 -14.50 14.33 37.91
N LEU A 755 -14.50 14.79 36.67
CA LEU A 755 -13.28 15.34 36.07
C LEU A 755 -13.28 16.85 35.98
N ARG A 756 -14.43 17.49 36.15
CA ARG A 756 -14.56 18.94 36.00
C ARG A 756 -14.81 19.61 37.34
N TYR A 757 -14.51 20.90 37.38
CA TYR A 757 -14.70 21.82 38.51
C TYR A 757 -15.25 21.22 39.80
#